data_1Z7G
#
_entry.id   1Z7G
#
_cell.length_a   149.570
_cell.length_b   51.800
_cell.length_c   117.520
_cell.angle_alpha   90.00
_cell.angle_beta   105.80
_cell.angle_gamma   90.00
#
_symmetry.space_group_name_H-M   'C 1 2 1'
#
loop_
_entity.id
_entity.type
_entity.pdbx_description
1 polymer 'Hypoxanthine-guanine phosphoribosyltransferase'
2 water water
#
_entity_poly.entity_id   1
_entity_poly.type   'polypeptide(L)'
_entity_poly.pdbx_seq_one_letter_code
;ATRSPGVVISDDEPGYDLDLFCIPNHYAEDLERVFIPHGLIMDRTERLARDVMKEMGGHHIVALCVLKGGYKFFADLLDY
IKALNRNSDRSIPMTVDFIRLKSYCNDQSTGDIKVIGGDDLSTLTGKNVLIVEDIIDTGKTMQTLLSLVRQYNPKMVKVA
SLLVKRTPRSVGYKPDFVGFEIPDKFVVGYALDYNEYFRDLNHVCVISETGKAKYKA
;
_entity_poly.pdbx_strand_id   A,B,C,D
#
# COMPACT_ATOMS: atom_id res chain seq x y z
N SER A 4 -50.05 -56.41 -26.20
CA SER A 4 -48.72 -55.78 -26.43
C SER A 4 -47.75 -56.26 -25.34
N PRO A 5 -46.69 -56.97 -25.73
CA PRO A 5 -45.69 -57.48 -24.78
C PRO A 5 -44.81 -56.39 -24.20
N GLY A 6 -44.87 -55.19 -24.78
CA GLY A 6 -44.04 -54.10 -24.32
C GLY A 6 -42.63 -54.30 -24.88
N VAL A 7 -41.64 -53.70 -24.24
CA VAL A 7 -40.26 -53.83 -24.68
C VAL A 7 -39.78 -55.24 -24.31
N VAL A 8 -39.53 -56.06 -25.32
CA VAL A 8 -39.10 -57.43 -25.08
C VAL A 8 -37.58 -57.56 -25.03
N ILE A 9 -37.08 -58.16 -23.95
CA ILE A 9 -35.65 -58.37 -23.76
C ILE A 9 -35.41 -59.87 -23.91
N SER A 10 -34.82 -60.28 -25.04
CA SER A 10 -34.56 -61.69 -25.31
C SER A 10 -33.70 -62.36 -24.23
N ASP A 11 -33.77 -63.68 -24.17
CA ASP A 11 -32.99 -64.46 -23.21
C ASP A 11 -31.51 -64.40 -23.57
N ASP A 12 -31.22 -64.08 -24.82
CA ASP A 12 -29.85 -63.99 -25.30
C ASP A 12 -29.23 -62.66 -24.91
N GLU A 13 -30.08 -61.67 -24.64
CA GLU A 13 -29.61 -60.34 -24.25
C GLU A 13 -28.80 -60.41 -22.96
N PRO A 14 -27.48 -60.14 -23.06
CA PRO A 14 -26.60 -60.17 -21.88
C PRO A 14 -26.83 -58.99 -20.96
N GLY A 15 -27.08 -57.83 -21.55
CA GLY A 15 -27.28 -56.63 -20.75
C GLY A 15 -26.11 -55.70 -20.92
N TYR A 16 -26.14 -54.57 -20.22
CA TYR A 16 -25.06 -53.59 -20.32
C TYR A 16 -23.98 -53.84 -19.29
N ASP A 17 -22.73 -53.66 -19.70
CA ASP A 17 -21.61 -53.83 -18.79
C ASP A 17 -21.76 -52.77 -17.71
N LEU A 18 -21.38 -53.10 -16.48
CA LEU A 18 -21.50 -52.16 -15.38
C LEU A 18 -20.68 -50.88 -15.53
N ASP A 19 -19.54 -50.97 -16.22
CA ASP A 19 -18.67 -49.80 -16.39
C ASP A 19 -19.22 -48.72 -17.32
N LEU A 20 -20.33 -49.00 -17.98
CA LEU A 20 -20.92 -48.04 -18.91
C LEU A 20 -21.93 -47.12 -18.26
N PHE A 21 -22.28 -47.43 -17.01
CA PHE A 21 -23.26 -46.63 -16.30
C PHE A 21 -22.81 -46.24 -14.89
N CYS A 22 -23.55 -45.31 -14.30
CA CYS A 22 -23.25 -44.84 -12.95
C CYS A 22 -23.97 -45.76 -11.96
N ILE A 23 -23.19 -46.48 -11.18
CA ILE A 23 -23.72 -47.41 -10.20
C ILE A 23 -23.08 -47.06 -8.86
N PRO A 24 -23.85 -47.13 -7.77
CA PRO A 24 -23.30 -46.83 -6.45
C PRO A 24 -22.10 -47.74 -6.19
N ASN A 25 -21.00 -47.17 -5.71
CA ASN A 25 -19.79 -47.96 -5.44
C ASN A 25 -19.99 -49.14 -4.51
N HIS A 26 -20.86 -49.00 -3.51
CA HIS A 26 -21.08 -50.08 -2.57
C HIS A 26 -21.80 -51.30 -3.17
N TYR A 27 -22.13 -51.22 -4.46
CA TYR A 27 -22.80 -52.32 -5.16
C TYR A 27 -21.94 -52.88 -6.28
N ALA A 28 -20.75 -52.31 -6.45
CA ALA A 28 -19.81 -52.71 -7.50
C ALA A 28 -19.59 -54.22 -7.67
N GLU A 29 -19.59 -54.97 -6.58
CA GLU A 29 -19.37 -56.42 -6.65
C GLU A 29 -20.65 -57.22 -6.49
N ASP A 30 -21.75 -56.52 -6.23
CA ASP A 30 -23.03 -57.17 -5.99
C ASP A 30 -23.92 -57.34 -7.22
N LEU A 31 -23.46 -56.87 -8.38
CA LEU A 31 -24.24 -56.97 -9.60
C LEU A 31 -23.45 -57.57 -10.77
N GLU A 32 -24.17 -58.21 -11.68
CA GLU A 32 -23.57 -58.82 -12.87
C GLU A 32 -23.53 -57.76 -13.97
N ARG A 33 -24.66 -57.12 -14.20
CA ARG A 33 -24.76 -56.07 -15.21
C ARG A 33 -26.12 -55.38 -15.21
N VAL A 34 -26.19 -54.28 -15.94
CA VAL A 34 -27.43 -53.50 -16.03
C VAL A 34 -28.35 -54.04 -17.11
N PHE A 35 -29.55 -54.41 -16.70
CA PHE A 35 -30.54 -54.95 -17.61
C PHE A 35 -31.41 -53.86 -18.22
N ILE A 36 -31.92 -52.98 -17.37
CA ILE A 36 -32.77 -51.88 -17.83
C ILE A 36 -32.34 -50.59 -17.14
N PRO A 37 -31.65 -49.70 -17.86
CA PRO A 37 -31.20 -48.43 -17.29
C PRO A 37 -32.38 -47.60 -16.80
N HIS A 38 -32.20 -46.90 -15.68
CA HIS A 38 -33.25 -46.07 -15.10
C HIS A 38 -33.91 -45.17 -16.15
N GLY A 39 -33.09 -44.54 -16.99
CA GLY A 39 -33.63 -43.66 -18.01
C GLY A 39 -34.57 -44.34 -18.98
N LEU A 40 -34.24 -45.58 -19.35
CA LEU A 40 -35.08 -46.34 -20.27
C LEU A 40 -36.39 -46.68 -19.55
N ILE A 41 -36.31 -46.98 -18.27
CA ILE A 41 -37.52 -47.30 -17.50
C ILE A 41 -38.43 -46.09 -17.52
N MET A 42 -37.85 -44.91 -17.31
CA MET A 42 -38.64 -43.68 -17.31
C MET A 42 -39.30 -43.46 -18.67
N ASP A 43 -38.52 -43.53 -19.73
CA ASP A 43 -39.06 -43.32 -21.09
C ASP A 43 -40.18 -44.29 -21.39
N ARG A 44 -40.01 -45.57 -21.03
CA ARG A 44 -41.05 -46.56 -21.29
C ARG A 44 -42.29 -46.23 -20.46
N THR A 45 -42.09 -45.85 -19.20
CA THR A 45 -43.21 -45.53 -18.32
C THR A 45 -44.00 -44.32 -18.84
N GLU A 46 -43.30 -43.34 -19.43
CA GLU A 46 -43.98 -42.18 -19.99
C GLU A 46 -44.92 -42.62 -21.12
N ARG A 47 -44.52 -43.62 -21.90
CA ARG A 47 -45.39 -44.10 -22.97
C ARG A 47 -46.56 -44.88 -22.38
N LEU A 48 -46.30 -45.64 -21.32
CA LEU A 48 -47.39 -46.38 -20.68
C LEU A 48 -48.45 -45.40 -20.18
N ALA A 49 -48.00 -44.25 -19.70
CA ALA A 49 -48.88 -43.21 -19.19
C ALA A 49 -49.83 -42.78 -20.31
N ARG A 50 -49.26 -42.54 -21.48
CA ARG A 50 -50.06 -42.12 -22.64
C ARG A 50 -51.03 -43.20 -23.07
N ASP A 51 -50.59 -44.45 -23.07
CA ASP A 51 -51.46 -45.57 -23.43
C ASP A 51 -52.62 -45.69 -22.45
N VAL A 52 -52.33 -45.52 -21.17
CA VAL A 52 -53.38 -45.61 -20.14
C VAL A 52 -54.39 -44.50 -20.36
N MET A 53 -53.91 -43.29 -20.57
CA MET A 53 -54.80 -42.14 -20.78
C MET A 53 -55.57 -42.25 -22.08
N LYS A 54 -54.96 -42.87 -23.08
CA LYS A 54 -55.65 -43.02 -24.36
C LYS A 54 -56.88 -43.90 -24.18
N GLU A 55 -56.72 -45.01 -23.47
CA GLU A 55 -57.82 -45.95 -23.26
C GLU A 55 -58.72 -45.69 -22.05
N MET A 56 -58.17 -45.06 -21.01
CA MET A 56 -58.93 -44.83 -19.79
C MET A 56 -59.12 -43.35 -19.44
N GLY A 57 -58.47 -42.46 -20.19
CA GLY A 57 -58.62 -41.04 -19.91
C GLY A 57 -60.01 -40.50 -20.18
N GLY A 58 -60.23 -39.24 -19.83
CA GLY A 58 -61.54 -38.63 -20.06
C GLY A 58 -62.58 -38.99 -19.03
N HIS A 59 -62.27 -39.99 -18.21
CA HIS A 59 -63.19 -40.43 -17.15
C HIS A 59 -62.41 -40.58 -15.85
N HIS A 60 -63.14 -40.75 -14.75
CA HIS A 60 -62.53 -40.90 -13.42
C HIS A 60 -61.74 -42.19 -13.33
N ILE A 61 -60.43 -42.06 -13.19
CA ILE A 61 -59.58 -43.24 -13.07
C ILE A 61 -59.24 -43.49 -11.59
N VAL A 62 -59.30 -44.75 -11.18
CA VAL A 62 -58.95 -45.11 -9.82
C VAL A 62 -57.73 -46.02 -9.99
N ALA A 63 -56.58 -45.54 -9.53
CA ALA A 63 -55.36 -46.32 -9.63
C ALA A 63 -55.14 -47.13 -8.36
N LEU A 64 -55.28 -48.45 -8.49
CA LEU A 64 -55.08 -49.39 -7.40
C LEU A 64 -53.67 -49.94 -7.48
N CYS A 65 -52.79 -49.43 -6.62
CA CYS A 65 -51.41 -49.86 -6.63
C CYS A 65 -51.18 -50.96 -5.60
N VAL A 66 -50.73 -52.11 -6.09
CA VAL A 66 -50.48 -53.27 -5.22
C VAL A 66 -49.10 -53.19 -4.58
N LEU A 67 -49.06 -52.84 -3.31
CA LEU A 67 -47.81 -52.71 -2.57
C LEU A 67 -47.09 -54.03 -2.37
N LYS A 68 -45.81 -54.06 -2.76
CA LYS A 68 -44.99 -55.24 -2.60
C LYS A 68 -43.62 -54.85 -2.05
N GLY A 69 -43.51 -53.61 -1.58
CA GLY A 69 -42.26 -53.13 -1.03
C GLY A 69 -41.71 -51.90 -1.72
N GLY A 70 -42.08 -51.71 -2.99
CA GLY A 70 -41.61 -50.57 -3.75
C GLY A 70 -42.70 -49.54 -4.00
N TYR A 71 -42.31 -48.31 -4.34
CA TYR A 71 -43.28 -47.24 -4.61
C TYR A 71 -42.89 -46.51 -5.90
N LYS A 72 -41.62 -46.63 -6.26
CA LYS A 72 -41.07 -45.97 -7.43
C LYS A 72 -41.92 -46.09 -8.68
N PHE A 73 -42.21 -47.31 -9.12
CA PHE A 73 -43.00 -47.44 -10.34
C PHE A 73 -44.36 -46.76 -10.23
N PHE A 74 -45.03 -46.93 -9.11
CA PHE A 74 -46.34 -46.30 -8.90
C PHE A 74 -46.19 -44.79 -9.05
N ALA A 75 -45.21 -44.25 -8.36
CA ALA A 75 -44.95 -42.81 -8.39
C ALA A 75 -44.64 -42.25 -9.77
N ASP A 76 -43.73 -42.90 -10.49
CA ASP A 76 -43.37 -42.43 -11.82
C ASP A 76 -44.53 -42.55 -12.80
N LEU A 77 -45.21 -43.70 -12.80
CA LEU A 77 -46.34 -43.86 -13.71
C LEU A 77 -47.39 -42.79 -13.41
N LEU A 78 -47.74 -42.64 -12.14
CA LEU A 78 -48.73 -41.64 -11.75
C LEU A 78 -48.28 -40.21 -12.07
N ASP A 79 -46.99 -39.92 -11.91
CA ASP A 79 -46.48 -38.59 -12.23
C ASP A 79 -46.68 -38.26 -13.71
N TYR A 80 -46.37 -39.22 -14.58
CA TYR A 80 -46.54 -39.02 -16.02
C TYR A 80 -48.02 -38.91 -16.38
N ILE A 81 -48.87 -39.69 -15.72
CA ILE A 81 -50.29 -39.65 -15.99
C ILE A 81 -50.82 -38.28 -15.62
N LYS A 82 -50.44 -37.81 -14.44
CA LYS A 82 -50.89 -36.49 -13.98
C LYS A 82 -50.38 -35.38 -14.90
N ALA A 83 -49.18 -35.53 -15.44
CA ALA A 83 -48.63 -34.51 -16.32
C ALA A 83 -49.50 -34.36 -17.58
N LEU A 84 -50.10 -35.47 -18.01
CA LEU A 84 -50.97 -35.46 -19.19
C LEU A 84 -52.34 -34.89 -18.82
N ASN A 85 -52.83 -35.26 -17.66
CA ASN A 85 -54.13 -34.82 -17.16
C ASN A 85 -54.16 -33.29 -17.07
N ARG A 86 -53.00 -32.67 -16.88
CA ARG A 86 -52.89 -31.22 -16.76
C ARG A 86 -53.31 -30.41 -17.99
N ASN A 87 -53.07 -30.97 -19.17
CA ASN A 87 -53.40 -30.27 -20.41
C ASN A 87 -54.85 -30.42 -20.83
N SER A 88 -55.60 -31.23 -20.09
CA SER A 88 -57.02 -31.46 -20.39
C SER A 88 -57.85 -30.19 -20.28
N ASP A 89 -58.75 -29.96 -21.24
CA ASP A 89 -59.60 -28.77 -21.20
C ASP A 89 -60.53 -28.81 -19.99
N ARG A 90 -60.98 -30.01 -19.64
CA ARG A 90 -61.87 -30.17 -18.51
C ARG A 90 -61.11 -30.85 -17.37
N SER A 91 -61.40 -30.46 -16.13
CA SER A 91 -60.73 -31.06 -14.99
C SER A 91 -61.30 -32.46 -14.81
N ILE A 92 -60.42 -33.46 -14.77
CA ILE A 92 -60.85 -34.83 -14.60
C ILE A 92 -60.28 -35.37 -13.31
N PRO A 93 -61.14 -35.81 -12.39
CA PRO A 93 -60.70 -36.35 -11.10
C PRO A 93 -59.99 -37.68 -11.26
N MET A 94 -59.18 -38.02 -10.28
CA MET A 94 -58.43 -39.26 -10.28
C MET A 94 -58.18 -39.69 -8.85
N THR A 95 -58.37 -40.98 -8.58
CA THR A 95 -58.16 -41.50 -7.24
C THR A 95 -56.94 -42.41 -7.22
N VAL A 96 -56.11 -42.24 -6.19
CA VAL A 96 -54.91 -43.03 -6.02
C VAL A 96 -55.07 -43.79 -4.71
N ASP A 97 -54.95 -45.10 -4.76
CA ASP A 97 -55.11 -45.92 -3.57
C ASP A 97 -54.07 -47.04 -3.52
N PHE A 98 -53.24 -47.05 -2.49
CA PHE A 98 -52.23 -48.09 -2.32
C PHE A 98 -52.86 -49.19 -1.47
N ILE A 99 -53.05 -50.37 -2.04
CA ILE A 99 -53.66 -51.46 -1.31
C ILE A 99 -52.77 -52.69 -1.19
N ARG A 100 -53.13 -53.59 -0.27
CA ARG A 100 -52.39 -54.83 -0.07
C ARG A 100 -53.35 -56.01 -0.30
N LEU A 101 -52.82 -57.10 -0.85
CA LEU A 101 -53.63 -58.28 -1.11
C LEU A 101 -53.39 -59.36 -0.04
N LYS A 102 -54.48 -59.89 0.51
CA LYS A 102 -54.40 -60.92 1.53
C LYS A 102 -53.43 -60.53 2.65
N ILE A 113 -61.10 -61.20 -1.66
CA ILE A 113 -60.20 -61.84 -0.71
C ILE A 113 -59.99 -60.95 0.50
N LYS A 114 -58.95 -60.13 0.44
CA LYS A 114 -58.65 -59.22 1.53
C LYS A 114 -57.88 -58.03 0.97
N VAL A 115 -58.58 -56.93 0.74
CA VAL A 115 -57.98 -55.72 0.22
C VAL A 115 -58.00 -54.59 1.25
N ILE A 116 -56.86 -53.97 1.46
CA ILE A 116 -56.75 -52.86 2.41
C ILE A 116 -56.66 -51.54 1.63
N GLY A 117 -57.79 -50.86 1.51
CA GLY A 117 -57.81 -49.60 0.78
C GLY A 117 -58.31 -48.45 1.64
N GLY A 118 -58.17 -47.23 1.12
CA GLY A 118 -58.62 -46.06 1.85
C GLY A 118 -60.12 -45.90 1.83
N ASP A 119 -60.80 -46.69 1.00
CA ASP A 119 -62.24 -46.64 0.88
C ASP A 119 -62.81 -47.92 0.29
N ASP A 120 -64.08 -48.19 0.59
CA ASP A 120 -64.75 -49.39 0.09
C ASP A 120 -64.69 -49.48 -1.43
N LEU A 121 -64.72 -50.71 -1.93
CA LEU A 121 -64.67 -50.95 -3.36
C LEU A 121 -65.95 -50.41 -4.02
N SER A 122 -66.94 -50.07 -3.20
CA SER A 122 -68.20 -49.55 -3.73
C SER A 122 -67.94 -48.29 -4.56
N THR A 123 -66.89 -47.56 -4.20
CA THR A 123 -66.56 -46.34 -4.92
C THR A 123 -66.00 -46.64 -6.31
N LEU A 124 -65.70 -47.89 -6.59
CA LEU A 124 -65.18 -48.27 -7.90
C LEU A 124 -66.26 -48.34 -8.96
N THR A 125 -67.52 -48.40 -8.52
CA THR A 125 -68.64 -48.48 -9.45
C THR A 125 -68.65 -47.34 -10.45
N GLY A 126 -68.75 -47.68 -11.72
CA GLY A 126 -68.79 -46.67 -12.75
C GLY A 126 -67.47 -45.97 -13.04
N LYS A 127 -66.38 -46.46 -12.46
CA LYS A 127 -65.09 -45.83 -12.69
C LYS A 127 -64.13 -46.72 -13.49
N ASN A 128 -63.08 -46.09 -14.00
CA ASN A 128 -62.07 -46.78 -14.78
C ASN A 128 -60.95 -47.21 -13.83
N VAL A 129 -60.94 -48.49 -13.49
CA VAL A 129 -59.96 -49.02 -12.55
C VAL A 129 -58.66 -49.53 -13.17
N LEU A 130 -57.56 -48.99 -12.67
CA LEU A 130 -56.24 -49.38 -13.15
C LEU A 130 -55.47 -50.03 -12.00
N ILE A 131 -55.20 -51.33 -12.13
CA ILE A 131 -54.43 -52.04 -11.12
C ILE A 131 -52.98 -51.92 -11.57
N VAL A 132 -52.10 -51.51 -10.66
CA VAL A 132 -50.70 -51.33 -11.00
C VAL A 132 -49.80 -52.20 -10.14
N GLU A 133 -48.83 -52.84 -10.78
CA GLU A 133 -47.89 -53.69 -10.07
C GLU A 133 -46.50 -53.53 -10.67
N ASP A 134 -45.48 -53.84 -9.88
CA ASP A 134 -44.10 -53.77 -10.32
C ASP A 134 -43.83 -55.00 -11.18
N ILE A 135 -44.33 -56.15 -10.73
CA ILE A 135 -44.15 -57.41 -11.43
C ILE A 135 -45.26 -58.36 -10.99
N ILE A 136 -45.76 -59.18 -11.91
CA ILE A 136 -46.81 -60.14 -11.57
C ILE A 136 -46.25 -61.55 -11.54
N ASP A 137 -46.04 -62.07 -10.33
CA ASP A 137 -45.50 -63.40 -10.13
C ASP A 137 -46.52 -64.49 -10.42
N THR A 138 -47.63 -64.43 -9.69
CA THR A 138 -48.70 -65.41 -9.85
C THR A 138 -49.84 -64.81 -10.67
N GLY A 139 -50.29 -65.54 -11.68
CA GLY A 139 -51.37 -65.06 -12.51
C GLY A 139 -52.73 -65.33 -11.88
N LYS A 140 -52.80 -66.35 -11.04
CA LYS A 140 -54.06 -66.71 -10.37
C LYS A 140 -54.48 -65.62 -9.40
N THR A 141 -53.52 -65.08 -8.66
CA THR A 141 -53.81 -64.03 -7.70
C THR A 141 -54.41 -62.81 -8.42
N MET A 142 -53.97 -62.58 -9.65
CA MET A 142 -54.47 -61.46 -10.44
C MET A 142 -55.88 -61.74 -10.94
N GLN A 143 -56.11 -62.99 -11.37
CA GLN A 143 -57.41 -63.40 -11.87
C GLN A 143 -58.45 -63.24 -10.76
N THR A 144 -58.04 -63.52 -9.53
CA THR A 144 -58.93 -63.40 -8.38
C THR A 144 -59.25 -61.94 -8.08
N LEU A 145 -58.22 -61.10 -8.03
CA LEU A 145 -58.38 -59.69 -7.76
C LEU A 145 -59.32 -59.05 -8.78
N LEU A 146 -59.12 -59.38 -10.05
CA LEU A 146 -59.96 -58.83 -11.11
C LEU A 146 -61.42 -59.24 -10.91
N SER A 147 -61.65 -60.50 -10.53
CA SER A 147 -63.00 -60.98 -10.30
C SER A 147 -63.66 -60.18 -9.18
N LEU A 148 -62.91 -59.94 -8.12
CA LEU A 148 -63.43 -59.18 -6.98
C LEU A 148 -63.81 -57.78 -7.41
N VAL A 149 -62.90 -57.11 -8.12
CA VAL A 149 -63.14 -55.75 -8.59
C VAL A 149 -64.36 -55.66 -9.50
N ARG A 150 -64.43 -56.54 -10.49
CA ARG A 150 -65.55 -56.52 -11.42
C ARG A 150 -66.92 -56.69 -10.75
N GLN A 151 -66.94 -57.24 -9.54
CA GLN A 151 -68.21 -57.43 -8.85
C GLN A 151 -68.88 -56.12 -8.48
N TYR A 152 -68.13 -55.02 -8.52
CA TYR A 152 -68.68 -53.73 -8.18
C TYR A 152 -69.06 -52.90 -9.41
N ASN A 153 -69.13 -53.56 -10.55
CA ASN A 153 -69.50 -52.92 -11.81
C ASN A 153 -68.64 -51.72 -12.21
N PRO A 154 -67.32 -51.91 -12.24
CA PRO A 154 -66.47 -50.78 -12.63
C PRO A 154 -66.76 -50.51 -14.10
N LYS A 155 -66.53 -49.28 -14.56
CA LYS A 155 -66.76 -48.97 -15.97
C LYS A 155 -65.85 -49.88 -16.80
N MET A 156 -64.62 -50.05 -16.32
CA MET A 156 -63.63 -50.90 -16.96
C MET A 156 -62.54 -51.26 -15.95
N VAL A 157 -61.79 -52.31 -16.23
CA VAL A 157 -60.69 -52.71 -15.35
C VAL A 157 -59.49 -53.13 -16.19
N LYS A 158 -58.37 -52.45 -15.99
CA LYS A 158 -57.15 -52.77 -16.73
C LYS A 158 -55.98 -52.99 -15.77
N VAL A 159 -54.94 -53.66 -16.25
CA VAL A 159 -53.78 -53.95 -15.43
C VAL A 159 -52.48 -53.48 -16.10
N ALA A 160 -51.66 -52.78 -15.32
CA ALA A 160 -50.37 -52.30 -15.81
C ALA A 160 -49.27 -52.87 -14.92
N SER A 161 -48.22 -53.41 -15.54
CA SER A 161 -47.10 -53.97 -14.80
C SER A 161 -45.80 -53.50 -15.46
N LEU A 162 -44.85 -53.06 -14.66
CA LEU A 162 -43.56 -52.60 -15.19
C LEU A 162 -42.84 -53.76 -15.86
N LEU A 163 -42.84 -54.92 -15.20
CA LEU A 163 -42.15 -56.09 -15.71
C LEU A 163 -43.03 -57.32 -15.80
N VAL A 164 -42.69 -58.18 -16.73
CA VAL A 164 -43.37 -59.45 -16.92
C VAL A 164 -42.25 -60.46 -17.17
N LYS A 165 -42.17 -61.46 -16.31
CA LYS A 165 -41.15 -62.51 -16.47
C LYS A 165 -41.78 -63.67 -17.24
N ARG A 166 -41.14 -64.07 -18.33
CA ARG A 166 -41.66 -65.15 -19.14
C ARG A 166 -41.44 -66.51 -18.46
N THR A 167 -42.44 -67.38 -18.56
CA THR A 167 -42.37 -68.71 -17.96
C THR A 167 -41.98 -68.62 -16.49
N TYR A 173 -50.47 -64.41 -16.38
CA TYR A 173 -51.42 -63.37 -16.72
C TYR A 173 -50.79 -62.35 -17.67
N LYS A 174 -51.53 -61.94 -18.69
CA LYS A 174 -51.03 -60.95 -19.64
C LYS A 174 -51.65 -59.60 -19.35
N PRO A 175 -50.87 -58.67 -18.75
CA PRO A 175 -51.36 -57.33 -18.42
C PRO A 175 -51.74 -56.52 -19.66
N ASP A 176 -52.60 -55.52 -19.46
CA ASP A 176 -53.02 -54.66 -20.56
C ASP A 176 -51.91 -53.69 -20.95
N PHE A 177 -51.10 -53.29 -19.96
CA PHE A 177 -49.99 -52.37 -20.21
C PHE A 177 -48.72 -52.96 -19.58
N VAL A 178 -47.76 -53.32 -20.43
CA VAL A 178 -46.51 -53.91 -19.95
C VAL A 178 -45.31 -53.03 -20.29
N GLY A 179 -44.45 -52.78 -19.29
CA GLY A 179 -43.27 -51.99 -19.54
C GLY A 179 -42.21 -52.77 -20.29
N PHE A 180 -41.71 -53.83 -19.64
CA PHE A 180 -40.68 -54.69 -20.22
C PHE A 180 -40.94 -56.17 -19.96
N GLU A 181 -40.60 -57.01 -20.93
CA GLU A 181 -40.75 -58.45 -20.77
C GLU A 181 -39.33 -58.98 -20.72
N ILE A 182 -38.89 -59.43 -19.55
CA ILE A 182 -37.53 -59.93 -19.40
C ILE A 182 -37.48 -61.42 -19.09
N PRO A 183 -36.30 -62.03 -19.23
CA PRO A 183 -36.14 -63.46 -18.94
C PRO A 183 -36.26 -63.70 -17.45
N ASP A 184 -36.48 -64.95 -17.06
CA ASP A 184 -36.63 -65.28 -15.65
C ASP A 184 -35.29 -65.24 -14.90
N LYS A 185 -34.82 -64.03 -14.63
CA LYS A 185 -33.56 -63.83 -13.92
C LYS A 185 -33.79 -63.06 -12.62
N PHE A 186 -32.87 -63.18 -11.67
CA PHE A 186 -33.00 -62.50 -10.39
C PHE A 186 -32.52 -61.06 -10.52
N VAL A 187 -33.47 -60.15 -10.75
CA VAL A 187 -33.14 -58.74 -10.92
C VAL A 187 -33.49 -57.93 -9.67
N VAL A 188 -32.75 -56.85 -9.47
CA VAL A 188 -32.96 -55.95 -8.33
C VAL A 188 -32.77 -54.51 -8.80
N GLY A 189 -33.27 -53.56 -8.01
CA GLY A 189 -33.13 -52.15 -8.37
C GLY A 189 -34.43 -51.48 -8.78
N TYR A 190 -34.43 -50.16 -8.73
CA TYR A 190 -35.58 -49.31 -9.07
C TYR A 190 -36.76 -49.51 -8.13
N ALA A 191 -37.36 -50.70 -8.16
CA ALA A 191 -38.50 -51.00 -7.29
C ALA A 191 -38.46 -52.46 -6.84
N LEU A 192 -37.30 -53.09 -6.97
CA LEU A 192 -37.15 -54.49 -6.57
C LEU A 192 -36.04 -54.68 -5.54
N ASP A 193 -36.30 -54.28 -4.29
CA ASP A 193 -35.27 -54.42 -3.26
C ASP A 193 -35.03 -55.89 -2.91
N TYR A 194 -33.85 -56.14 -2.33
CA TYR A 194 -33.47 -57.48 -1.91
C TYR A 194 -33.10 -57.38 -0.43
N ASN A 195 -34.02 -57.81 0.43
CA ASN A 195 -33.84 -57.74 1.88
C ASN A 195 -33.60 -56.30 2.29
N GLU A 196 -34.32 -55.39 1.65
CA GLU A 196 -34.24 -53.95 1.92
C GLU A 196 -32.97 -53.30 1.35
N TYR A 197 -32.22 -54.07 0.56
CA TYR A 197 -31.02 -53.56 -0.10
C TYR A 197 -31.34 -53.27 -1.58
N PHE A 198 -30.55 -52.41 -2.20
CA PHE A 198 -30.70 -52.01 -3.60
C PHE A 198 -31.81 -50.96 -3.83
N ARG A 199 -32.37 -50.41 -2.76
CA ARG A 199 -33.40 -49.39 -2.93
C ARG A 199 -32.76 -48.15 -3.56
N ASP A 200 -31.49 -47.90 -3.26
CA ASP A 200 -30.77 -46.75 -3.80
C ASP A 200 -30.21 -46.98 -5.22
N LEU A 201 -30.41 -48.18 -5.74
CA LEU A 201 -29.96 -48.52 -7.10
C LEU A 201 -31.11 -48.16 -8.03
N ASN A 202 -30.89 -47.20 -8.92
CA ASN A 202 -31.93 -46.73 -9.84
C ASN A 202 -32.17 -47.59 -11.08
N HIS A 203 -31.18 -48.37 -11.48
CA HIS A 203 -31.29 -49.23 -12.64
C HIS A 203 -31.74 -50.63 -12.27
N VAL A 204 -32.39 -51.32 -13.18
CA VAL A 204 -32.77 -52.69 -12.92
C VAL A 204 -31.57 -53.52 -13.38
N CYS A 205 -31.01 -54.32 -12.49
CA CYS A 205 -29.85 -55.13 -12.83
C CYS A 205 -29.97 -56.55 -12.30
N VAL A 206 -29.09 -57.42 -12.79
CA VAL A 206 -29.05 -58.81 -12.36
C VAL A 206 -28.06 -58.86 -11.20
N ILE A 207 -28.51 -59.43 -10.08
CA ILE A 207 -27.66 -59.53 -8.90
C ILE A 207 -26.56 -60.57 -9.16
N SER A 208 -25.48 -60.48 -8.41
CA SER A 208 -24.38 -61.42 -8.56
C SER A 208 -24.45 -62.45 -7.44
N GLU A 209 -23.63 -63.49 -7.53
CA GLU A 209 -23.62 -64.51 -6.50
C GLU A 209 -23.13 -63.86 -5.21
N THR A 210 -22.20 -62.93 -5.36
CA THR A 210 -21.63 -62.21 -4.23
C THR A 210 -22.73 -61.38 -3.57
N GLY A 211 -23.54 -60.73 -4.40
CA GLY A 211 -24.63 -59.92 -3.89
C GLY A 211 -25.66 -60.70 -3.12
N LYS A 212 -26.11 -61.81 -3.68
CA LYS A 212 -27.13 -62.65 -3.04
C LYS A 212 -26.72 -63.11 -1.64
N ALA A 213 -25.50 -63.60 -1.53
CA ALA A 213 -24.99 -64.08 -0.25
C ALA A 213 -24.78 -62.94 0.73
N LYS A 214 -24.15 -61.86 0.25
CA LYS A 214 -23.86 -60.70 1.10
C LYS A 214 -25.09 -60.10 1.77
N TYR A 215 -26.16 -59.93 1.02
CA TYR A 215 -27.38 -59.31 1.54
C TYR A 215 -28.48 -60.29 1.92
N LYS A 216 -28.18 -61.59 1.86
CA LYS A 216 -29.16 -62.61 2.20
C LYS A 216 -29.71 -62.36 3.60
N ALA A 217 -30.99 -62.67 3.80
CA ALA A 217 -31.64 -62.48 5.10
C ALA A 217 -31.09 -63.46 6.13
N SER B 4 -12.56 -47.34 -23.25
CA SER B 4 -13.85 -47.87 -23.70
C SER B 4 -14.42 -47.06 -24.85
N PRO B 5 -14.94 -47.75 -25.89
CA PRO B 5 -15.53 -47.10 -27.06
C PRO B 5 -16.96 -46.65 -26.78
N GLY B 6 -17.37 -46.75 -25.53
CA GLY B 6 -18.72 -46.35 -25.14
C GLY B 6 -19.77 -47.42 -25.44
N VAL B 7 -21.04 -47.01 -25.44
CA VAL B 7 -22.13 -47.94 -25.74
C VAL B 7 -22.16 -48.17 -27.24
N VAL B 8 -21.85 -49.38 -27.66
CA VAL B 8 -21.82 -49.71 -29.08
C VAL B 8 -23.17 -50.22 -29.56
N ILE B 9 -23.67 -49.62 -30.62
CA ILE B 9 -24.93 -50.02 -31.22
C ILE B 9 -24.56 -50.50 -32.62
N SER B 10 -24.64 -51.81 -32.83
CA SER B 10 -24.25 -52.44 -34.10
C SER B 10 -25.10 -52.06 -35.31
N ASP B 11 -24.56 -52.32 -36.49
CA ASP B 11 -25.25 -52.03 -37.75
C ASP B 11 -26.50 -52.89 -37.91
N ASP B 12 -26.56 -53.99 -37.18
CA ASP B 12 -27.72 -54.89 -37.25
C ASP B 12 -28.85 -54.45 -36.33
N GLU B 13 -28.69 -53.30 -35.69
CA GLU B 13 -29.71 -52.78 -34.79
C GLU B 13 -30.51 -51.71 -35.52
N PRO B 14 -31.81 -51.96 -35.75
CA PRO B 14 -32.69 -51.01 -36.43
C PRO B 14 -33.21 -49.90 -35.51
N GLY B 15 -33.32 -50.22 -34.22
CA GLY B 15 -33.82 -49.25 -33.26
C GLY B 15 -35.19 -49.66 -32.75
N TYR B 16 -35.67 -48.97 -31.72
CA TYR B 16 -36.98 -49.28 -31.14
C TYR B 16 -38.14 -48.80 -31.99
N ASP B 17 -39.19 -49.60 -32.03
CA ASP B 17 -40.40 -49.25 -32.75
C ASP B 17 -40.91 -47.96 -32.08
N LEU B 18 -41.39 -47.02 -32.88
CA LEU B 18 -41.86 -45.74 -32.35
C LEU B 18 -43.01 -45.83 -31.34
N ASP B 19 -43.86 -46.85 -31.46
CA ASP B 19 -45.00 -46.98 -30.56
C ASP B 19 -44.63 -47.49 -29.17
N LEU B 20 -43.35 -47.78 -28.95
CA LEU B 20 -42.89 -48.22 -27.65
C LEU B 20 -42.50 -47.01 -26.78
N PHE B 21 -42.34 -45.85 -27.42
CA PHE B 21 -41.98 -44.64 -26.70
C PHE B 21 -42.88 -43.44 -26.97
N CYS B 22 -42.71 -42.39 -26.16
CA CYS B 22 -43.50 -41.17 -26.32
C CYS B 22 -42.76 -40.25 -27.28
N ILE B 23 -43.40 -39.96 -28.40
CA ILE B 23 -42.86 -39.10 -29.45
C ILE B 23 -43.85 -37.99 -29.75
N PRO B 24 -43.37 -36.77 -30.07
CA PRO B 24 -44.33 -35.71 -30.35
C PRO B 24 -45.25 -36.18 -31.48
N ASN B 25 -46.56 -35.97 -31.34
CA ASN B 25 -47.49 -36.41 -32.37
C ASN B 25 -47.11 -35.89 -33.75
N HIS B 26 -46.73 -34.60 -33.84
CA HIS B 26 -46.40 -34.03 -35.13
C HIS B 26 -45.21 -34.63 -35.88
N TYR B 27 -44.49 -35.57 -35.26
CA TYR B 27 -43.36 -36.25 -35.91
C TYR B 27 -43.66 -37.72 -36.21
N ALA B 28 -44.90 -38.12 -35.97
CA ALA B 28 -45.33 -39.51 -36.16
C ALA B 28 -44.88 -40.20 -37.46
N GLU B 29 -44.96 -39.49 -38.59
CA GLU B 29 -44.54 -40.10 -39.85
C GLU B 29 -43.15 -39.66 -40.30
N ASP B 30 -42.55 -38.76 -39.53
CA ASP B 30 -41.24 -38.22 -39.86
C ASP B 30 -40.03 -38.98 -39.34
N LEU B 31 -40.29 -40.07 -38.62
CA LEU B 31 -39.21 -40.87 -38.06
C LEU B 31 -39.39 -42.35 -38.35
N GLU B 32 -38.29 -43.09 -38.32
CA GLU B 32 -38.29 -44.54 -38.54
C GLU B 32 -38.34 -45.31 -37.22
N ARG B 33 -37.36 -45.05 -36.37
CA ARG B 33 -37.25 -45.73 -35.08
C ARG B 33 -36.58 -44.81 -34.05
N VAL B 34 -36.72 -45.17 -32.78
CA VAL B 34 -36.04 -44.42 -31.73
C VAL B 34 -34.73 -45.19 -31.60
N PHE B 35 -33.61 -44.51 -31.81
CA PHE B 35 -32.31 -45.17 -31.74
C PHE B 35 -31.73 -45.15 -30.34
N ILE B 36 -31.86 -44.01 -29.68
CA ILE B 36 -31.34 -43.88 -28.33
C ILE B 36 -32.36 -43.10 -27.51
N PRO B 37 -33.07 -43.79 -26.61
CA PRO B 37 -34.07 -43.14 -25.77
C PRO B 37 -33.40 -42.04 -24.94
N HIS B 38 -34.11 -40.93 -24.76
CA HIS B 38 -33.60 -39.80 -23.98
C HIS B 38 -33.03 -40.21 -22.64
N GLY B 39 -33.76 -41.03 -21.92
CA GLY B 39 -33.31 -41.47 -20.60
C GLY B 39 -31.99 -42.22 -20.63
N LEU B 40 -31.76 -42.96 -21.70
CA LEU B 40 -30.52 -43.72 -21.84
C LEU B 40 -29.37 -42.76 -22.07
N ILE B 41 -29.64 -41.69 -22.81
CA ILE B 41 -28.62 -40.68 -23.09
C ILE B 41 -28.20 -40.09 -21.75
N MET B 42 -29.18 -39.76 -20.91
CA MET B 42 -28.90 -39.19 -19.60
C MET B 42 -28.04 -40.12 -18.74
N ASP B 43 -28.45 -41.38 -18.63
CA ASP B 43 -27.73 -42.37 -17.84
C ASP B 43 -26.27 -42.49 -18.28
N ARG B 44 -26.04 -42.58 -19.58
CA ARG B 44 -24.70 -42.69 -20.13
C ARG B 44 -23.91 -41.41 -19.84
N THR B 45 -24.55 -40.27 -20.05
CA THR B 45 -23.91 -38.99 -19.81
C THR B 45 -23.52 -38.85 -18.33
N GLU B 46 -24.34 -39.41 -17.44
CA GLU B 46 -24.01 -39.33 -16.02
C GLU B 46 -22.68 -40.05 -15.77
N ARG B 47 -22.51 -41.20 -16.42
CA ARG B 47 -21.27 -41.96 -16.27
C ARG B 47 -20.10 -41.21 -16.92
N LEU B 48 -20.33 -40.56 -18.04
CA LEU B 48 -19.27 -39.81 -18.70
C LEU B 48 -18.78 -38.71 -17.76
N ALA B 49 -19.70 -38.07 -17.06
CA ALA B 49 -19.35 -37.02 -16.11
C ALA B 49 -18.39 -37.57 -15.07
N ARG B 50 -18.70 -38.76 -14.55
CA ARG B 50 -17.83 -39.39 -13.56
C ARG B 50 -16.46 -39.69 -14.16
N ASP B 51 -16.43 -40.28 -15.35
CA ASP B 51 -15.16 -40.61 -16.00
C ASP B 51 -14.32 -39.36 -16.23
N VAL B 52 -14.97 -38.28 -16.64
CA VAL B 52 -14.26 -37.01 -16.87
C VAL B 52 -13.63 -36.48 -15.59
N MET B 53 -14.40 -36.41 -14.51
CA MET B 53 -13.86 -35.90 -13.25
C MET B 53 -12.72 -36.76 -12.72
N LYS B 54 -12.83 -38.07 -12.88
CA LYS B 54 -11.77 -38.94 -12.37
C LYS B 54 -10.44 -38.68 -13.09
N GLU B 55 -10.50 -38.54 -14.41
CA GLU B 55 -9.29 -38.32 -15.19
C GLU B 55 -8.85 -36.87 -15.35
N MET B 56 -9.76 -35.94 -15.15
CA MET B 56 -9.44 -34.53 -15.32
C MET B 56 -9.62 -33.66 -14.08
N GLY B 57 -10.00 -34.27 -12.97
CA GLY B 57 -10.20 -33.50 -11.75
C GLY B 57 -8.90 -32.96 -11.17
N GLY B 58 -7.78 -33.38 -11.75
CA GLY B 58 -6.47 -32.92 -11.28
C GLY B 58 -6.25 -31.43 -11.26
N HIS B 59 -6.68 -30.75 -12.31
CA HIS B 59 -6.52 -29.29 -12.40
C HIS B 59 -7.84 -28.64 -12.79
N HIS B 60 -7.84 -27.30 -12.78
CA HIS B 60 -9.03 -26.53 -13.16
C HIS B 60 -9.41 -26.95 -14.57
N ILE B 61 -10.68 -27.30 -14.77
CA ILE B 61 -11.17 -27.74 -16.07
C ILE B 61 -11.89 -26.66 -16.87
N VAL B 62 -11.57 -26.58 -18.15
CA VAL B 62 -12.25 -25.63 -19.01
C VAL B 62 -13.02 -26.46 -20.03
N ALA B 63 -14.34 -26.36 -19.99
CA ALA B 63 -15.18 -27.10 -20.91
C ALA B 63 -15.36 -26.27 -22.17
N LEU B 64 -14.75 -26.73 -23.26
CA LEU B 64 -14.81 -26.07 -24.55
C LEU B 64 -15.88 -26.77 -25.39
N CYS B 65 -17.10 -26.22 -25.37
CA CYS B 65 -18.20 -26.83 -26.12
C CYS B 65 -18.28 -26.28 -27.55
N VAL B 66 -18.18 -27.18 -28.51
CA VAL B 66 -18.23 -26.81 -29.92
C VAL B 66 -19.68 -26.71 -30.39
N LEU B 67 -20.15 -25.48 -30.55
CA LEU B 67 -21.51 -25.21 -31.00
C LEU B 67 -21.77 -25.68 -32.42
N LYS B 68 -22.74 -26.56 -32.60
CA LYS B 68 -23.10 -27.06 -33.92
C LYS B 68 -24.61 -26.99 -34.12
N GLY B 69 -25.27 -26.22 -33.25
CA GLY B 69 -26.71 -26.07 -33.37
C GLY B 69 -27.46 -26.43 -32.11
N GLY B 70 -26.98 -27.46 -31.39
CA GLY B 70 -27.64 -27.87 -30.16
C GLY B 70 -26.95 -27.46 -28.87
N TYR B 71 -27.62 -27.66 -27.74
CA TYR B 71 -27.05 -27.29 -26.45
C TYR B 71 -27.30 -28.37 -25.38
N LYS B 72 -28.27 -29.24 -25.62
CA LYS B 72 -28.63 -30.29 -24.66
C LYS B 72 -27.48 -31.11 -24.10
N PHE B 73 -26.64 -31.67 -24.97
CA PHE B 73 -25.54 -32.49 -24.46
C PHE B 73 -24.61 -31.68 -23.56
N PHE B 74 -24.27 -30.48 -23.97
CA PHE B 74 -23.39 -29.62 -23.16
C PHE B 74 -24.02 -29.38 -21.78
N ALA B 75 -25.29 -29.01 -21.79
CA ALA B 75 -26.02 -28.75 -20.55
C ALA B 75 -26.12 -29.97 -19.63
N ASP B 76 -26.45 -31.12 -20.20
CA ASP B 76 -26.60 -32.34 -19.42
C ASP B 76 -25.27 -32.81 -18.84
N LEU B 77 -24.24 -32.84 -19.68
CA LEU B 77 -22.92 -33.27 -19.22
C LEU B 77 -22.44 -32.36 -18.10
N LEU B 78 -22.49 -31.06 -18.33
CA LEU B 78 -22.08 -30.07 -17.34
C LEU B 78 -22.94 -30.11 -16.08
N ASP B 79 -24.23 -30.38 -16.22
CA ASP B 79 -25.11 -30.46 -15.05
C ASP B 79 -24.67 -31.64 -14.18
N TYR B 80 -24.35 -32.78 -14.79
CA TYR B 80 -23.93 -33.95 -14.01
C TYR B 80 -22.58 -33.71 -13.37
N ILE B 81 -21.68 -33.07 -14.11
CA ILE B 81 -20.34 -32.76 -13.60
C ILE B 81 -20.47 -31.89 -12.36
N LYS B 82 -21.28 -30.84 -12.45
CA LYS B 82 -21.49 -29.92 -11.34
C LYS B 82 -22.11 -30.62 -10.12
N ALA B 83 -23.09 -31.47 -10.36
CA ALA B 83 -23.74 -32.20 -9.27
C ALA B 83 -22.69 -33.03 -8.54
N LEU B 84 -21.68 -33.46 -9.28
CA LEU B 84 -20.61 -34.27 -8.73
C LEU B 84 -19.67 -33.41 -7.89
N ASN B 85 -19.24 -32.27 -8.44
CA ASN B 85 -18.33 -31.40 -7.73
C ASN B 85 -19.01 -30.74 -6.53
N ARG B 86 -20.32 -30.92 -6.44
CA ARG B 86 -21.13 -30.37 -5.37
C ARG B 86 -20.78 -31.04 -4.04
N ASN B 87 -20.38 -32.31 -4.11
CA ASN B 87 -20.02 -33.06 -2.91
C ASN B 87 -18.55 -33.01 -2.57
N SER B 88 -17.78 -32.20 -3.29
CA SER B 88 -16.37 -32.09 -3.03
C SER B 88 -16.09 -31.35 -1.73
N ASP B 89 -15.13 -31.83 -0.96
CA ASP B 89 -14.79 -31.20 0.31
C ASP B 89 -14.19 -29.82 0.08
N ARG B 90 -13.64 -29.60 -1.11
CA ARG B 90 -13.02 -28.32 -1.45
C ARG B 90 -13.76 -27.73 -2.65
N SER B 91 -13.89 -26.40 -2.67
CA SER B 91 -14.58 -25.73 -3.77
C SER B 91 -13.79 -25.91 -5.07
N ILE B 92 -14.46 -26.46 -6.08
CA ILE B 92 -13.82 -26.71 -7.37
C ILE B 92 -14.22 -25.67 -8.42
N PRO B 93 -13.26 -24.84 -8.87
CA PRO B 93 -13.58 -23.84 -9.88
C PRO B 93 -13.62 -24.50 -11.26
N MET B 94 -14.49 -24.01 -12.14
CA MET B 94 -14.61 -24.58 -13.47
C MET B 94 -15.05 -23.52 -14.46
N THR B 95 -14.52 -23.59 -15.67
CA THR B 95 -14.84 -22.62 -16.71
C THR B 95 -15.59 -23.28 -17.86
N VAL B 96 -16.64 -22.61 -18.31
CA VAL B 96 -17.47 -23.10 -19.40
C VAL B 96 -17.43 -22.12 -20.57
N ASP B 97 -16.86 -22.55 -21.69
CA ASP B 97 -16.80 -21.71 -22.87
C ASP B 97 -17.45 -22.39 -24.07
N PHE B 98 -18.02 -21.59 -24.95
CA PHE B 98 -18.65 -22.10 -26.16
C PHE B 98 -17.92 -21.49 -27.35
N ILE B 99 -17.49 -22.35 -28.26
CA ILE B 99 -16.77 -21.90 -29.44
C ILE B 99 -17.41 -22.43 -30.71
N ARG B 100 -17.04 -21.83 -31.83
CA ARG B 100 -17.55 -22.23 -33.13
C ARG B 100 -16.39 -22.55 -34.05
N LEU B 101 -16.63 -23.46 -35.00
CA LEU B 101 -15.61 -23.85 -35.96
C LEU B 101 -16.11 -23.57 -37.37
N ILE B 113 -10.24 -24.72 -40.56
CA ILE B 113 -11.28 -24.00 -39.82
C ILE B 113 -10.68 -22.97 -38.85
N LYS B 114 -11.54 -22.11 -38.33
CA LYS B 114 -11.12 -21.08 -37.38
C LYS B 114 -11.97 -21.15 -36.11
N VAL B 115 -11.32 -21.03 -34.96
CA VAL B 115 -12.01 -21.06 -33.68
C VAL B 115 -12.45 -19.67 -33.26
N ILE B 116 -13.63 -19.58 -32.65
CA ILE B 116 -14.15 -18.30 -32.20
C ILE B 116 -14.42 -18.31 -30.69
N LEU B 121 -10.40 -14.36 -25.29
CA LEU B 121 -9.03 -14.54 -24.85
C LEU B 121 -8.78 -15.91 -24.26
N SER B 122 -8.45 -16.87 -25.11
CA SER B 122 -8.18 -18.23 -24.67
C SER B 122 -6.90 -18.33 -23.86
N THR B 123 -7.01 -18.12 -22.56
CA THR B 123 -5.87 -18.20 -21.66
C THR B 123 -5.99 -19.47 -20.83
N LEU B 124 -6.32 -20.56 -21.52
CA LEU B 124 -6.49 -21.86 -20.88
C LEU B 124 -5.16 -22.51 -20.52
N THR B 125 -4.14 -21.68 -20.34
CA THR B 125 -2.82 -22.16 -19.98
C THR B 125 -2.82 -22.74 -18.57
N GLY B 126 -2.15 -23.87 -18.40
CA GLY B 126 -2.08 -24.51 -17.09
C GLY B 126 -3.39 -25.10 -16.62
N LYS B 127 -4.26 -25.44 -17.55
CA LYS B 127 -5.55 -26.03 -17.19
C LYS B 127 -5.88 -27.26 -18.00
N ASN B 128 -6.84 -28.03 -17.52
CA ASN B 128 -7.26 -29.23 -18.22
C ASN B 128 -8.42 -28.87 -19.13
N VAL B 129 -8.19 -28.97 -20.43
CA VAL B 129 -9.21 -28.60 -21.40
C VAL B 129 -10.02 -29.77 -21.90
N LEU B 130 -11.34 -29.66 -21.75
CA LEU B 130 -12.23 -30.72 -22.20
C LEU B 130 -13.01 -30.20 -23.41
N ILE B 131 -12.73 -30.74 -24.58
CA ILE B 131 -13.46 -30.33 -25.77
C ILE B 131 -14.71 -31.21 -25.79
N VAL B 132 -15.88 -30.59 -25.93
CA VAL B 132 -17.14 -31.32 -25.93
C VAL B 132 -17.89 -31.17 -27.26
N GLU B 133 -18.32 -32.31 -27.80
CA GLU B 133 -19.06 -32.32 -29.06
C GLU B 133 -20.24 -33.29 -28.98
N ASP B 134 -21.26 -33.01 -29.78
CA ASP B 134 -22.46 -33.86 -29.84
C ASP B 134 -22.14 -35.08 -30.69
N ILE B 135 -21.52 -34.82 -31.83
CA ILE B 135 -21.13 -35.86 -32.78
C ILE B 135 -19.73 -35.50 -33.27
N ILE B 136 -18.79 -36.43 -33.09
CA ILE B 136 -17.41 -36.18 -33.49
C ILE B 136 -17.28 -35.99 -34.99
N ASP B 137 -16.55 -34.95 -35.40
CA ASP B 137 -16.36 -34.70 -36.82
C ASP B 137 -15.11 -35.41 -37.34
N THR B 138 -14.82 -35.21 -38.62
CA THR B 138 -13.67 -35.83 -39.27
C THR B 138 -12.40 -35.74 -38.44
N GLY B 139 -11.45 -36.62 -38.74
CA GLY B 139 -10.18 -36.62 -38.01
C GLY B 139 -9.34 -35.39 -38.30
N LYS B 140 -9.32 -34.95 -39.55
CA LYS B 140 -8.54 -33.78 -39.92
C LYS B 140 -9.06 -32.54 -39.18
N THR B 141 -10.37 -32.46 -39.01
CA THR B 141 -10.96 -31.32 -38.31
C THR B 141 -10.59 -31.39 -36.83
N MET B 142 -10.68 -32.59 -36.25
CA MET B 142 -10.33 -32.78 -34.84
C MET B 142 -8.84 -32.58 -34.60
N GLN B 143 -8.02 -33.02 -35.54
CA GLN B 143 -6.58 -32.87 -35.42
C GLN B 143 -6.25 -31.38 -35.43
N THR B 144 -6.87 -30.65 -36.34
CA THR B 144 -6.66 -29.21 -36.47
C THR B 144 -7.04 -28.46 -35.20
N LEU B 145 -8.19 -28.82 -34.62
CA LEU B 145 -8.66 -28.17 -33.40
C LEU B 145 -7.71 -28.46 -32.25
N LEU B 146 -7.23 -29.70 -32.17
CA LEU B 146 -6.30 -30.09 -31.11
C LEU B 146 -5.01 -29.30 -31.25
N SER B 147 -4.55 -29.12 -32.49
CA SER B 147 -3.32 -28.36 -32.72
C SER B 147 -3.50 -26.92 -32.26
N LEU B 148 -4.62 -26.31 -32.64
CA LEU B 148 -4.90 -24.93 -32.24
C LEU B 148 -4.93 -24.77 -30.72
N VAL B 149 -5.64 -25.66 -30.04
CA VAL B 149 -5.74 -25.59 -28.58
C VAL B 149 -4.41 -25.77 -27.86
N ARG B 150 -3.57 -26.68 -28.36
CA ARG B 150 -2.28 -26.95 -27.74
C ARG B 150 -1.31 -25.77 -27.84
N GLN B 151 -1.63 -24.81 -28.70
CA GLN B 151 -0.77 -23.64 -28.86
C GLN B 151 -0.87 -22.73 -27.63
N TYR B 152 -1.86 -23.00 -26.79
CA TYR B 152 -2.03 -22.21 -25.58
C TYR B 152 -1.38 -22.85 -24.36
N ASN B 153 -0.68 -23.97 -24.59
CA ASN B 153 0.01 -24.69 -23.53
C ASN B 153 -0.88 -25.14 -22.37
N PRO B 154 -1.97 -25.87 -22.68
CA PRO B 154 -2.87 -26.33 -21.61
C PRO B 154 -2.21 -27.50 -20.86
N LYS B 155 -2.66 -27.76 -19.64
CA LYS B 155 -2.10 -28.86 -18.86
C LYS B 155 -2.38 -30.18 -19.58
N MET B 156 -3.59 -30.29 -20.14
CA MET B 156 -3.98 -31.47 -20.90
C MET B 156 -5.17 -31.16 -21.79
N VAL B 157 -5.38 -31.99 -22.80
CA VAL B 157 -6.51 -31.80 -23.71
C VAL B 157 -7.19 -33.14 -23.98
N LYS B 158 -8.46 -33.21 -23.63
CA LYS B 158 -9.27 -34.41 -23.81
C LYS B 158 -10.52 -34.04 -24.62
N VAL B 159 -11.08 -35.02 -25.32
CA VAL B 159 -12.29 -34.80 -26.12
C VAL B 159 -13.40 -35.77 -25.69
N ALA B 160 -14.61 -35.23 -25.52
CA ALA B 160 -15.77 -36.02 -25.15
C ALA B 160 -16.83 -35.79 -26.23
N SER B 161 -17.43 -36.87 -26.73
CA SER B 161 -18.46 -36.75 -27.76
C SER B 161 -19.61 -37.67 -27.43
N LEU B 162 -20.83 -37.14 -27.46
CA LEU B 162 -21.99 -37.97 -27.17
C LEU B 162 -22.03 -39.12 -28.17
N LEU B 163 -21.89 -38.78 -29.44
CA LEU B 163 -21.96 -39.77 -30.51
C LEU B 163 -20.71 -39.87 -31.37
N VAL B 164 -20.46 -41.08 -31.85
CA VAL B 164 -19.36 -41.38 -32.77
C VAL B 164 -20.00 -42.27 -33.84
N LYS B 165 -19.94 -41.83 -35.09
CA LYS B 165 -20.52 -42.60 -36.20
C LYS B 165 -19.44 -43.38 -36.94
N ARG B 166 -19.73 -44.63 -37.27
CA ARG B 166 -18.77 -45.45 -38.00
C ARG B 166 -18.96 -45.18 -39.49
N THR B 167 -18.45 -44.06 -39.96
CA THR B 167 -18.58 -43.70 -41.36
C THR B 167 -17.75 -44.62 -42.26
N PRO B 168 -18.27 -44.94 -43.46
CA PRO B 168 -17.55 -45.82 -44.39
C PRO B 168 -16.29 -45.16 -44.94
N ARG B 169 -16.18 -43.84 -44.77
CA ARG B 169 -15.02 -43.11 -45.25
C ARG B 169 -13.80 -43.42 -44.39
N SER B 170 -12.82 -42.52 -44.40
CA SER B 170 -11.59 -42.68 -43.63
C SER B 170 -11.85 -42.94 -42.15
N VAL B 171 -10.84 -43.44 -41.46
CA VAL B 171 -10.95 -43.74 -40.03
C VAL B 171 -11.11 -42.45 -39.23
N GLY B 172 -12.24 -42.31 -38.55
CA GLY B 172 -12.49 -41.12 -37.77
C GLY B 172 -11.64 -40.99 -36.52
N TYR B 173 -11.80 -39.88 -35.81
CA TYR B 173 -11.05 -39.62 -34.59
C TYR B 173 -11.53 -40.52 -33.44
N LYS B 174 -10.63 -40.78 -32.50
CA LYS B 174 -10.94 -41.62 -31.34
C LYS B 174 -11.04 -40.75 -30.09
N PRO B 175 -12.27 -40.33 -29.73
CA PRO B 175 -12.48 -39.49 -28.54
C PRO B 175 -12.06 -40.20 -27.24
N ASP B 176 -11.74 -39.39 -26.22
CA ASP B 176 -11.34 -39.92 -24.93
C ASP B 176 -12.55 -40.40 -24.14
N PHE B 177 -13.69 -39.75 -24.37
CA PHE B 177 -14.93 -40.12 -23.70
C PHE B 177 -16.01 -40.19 -24.79
N VAL B 178 -16.63 -41.35 -24.93
CA VAL B 178 -17.66 -41.54 -25.95
C VAL B 178 -18.96 -42.03 -25.34
N GLY B 179 -20.05 -41.34 -25.66
CA GLY B 179 -21.34 -41.76 -25.15
C GLY B 179 -21.78 -43.03 -25.87
N PHE B 180 -22.04 -42.91 -27.17
CA PHE B 180 -22.50 -44.04 -27.97
C PHE B 180 -21.81 -44.11 -29.33
N GLU B 181 -21.46 -45.32 -29.77
CA GLU B 181 -20.84 -45.49 -31.09
C GLU B 181 -21.95 -46.07 -31.98
N ILE B 182 -22.38 -45.28 -32.96
CA ILE B 182 -23.48 -45.68 -33.83
C ILE B 182 -23.19 -45.88 -35.31
N PRO B 183 -24.08 -46.59 -36.02
CA PRO B 183 -23.86 -46.82 -37.45
C PRO B 183 -24.08 -45.50 -38.21
N ASP B 184 -23.77 -45.51 -39.49
CA ASP B 184 -23.92 -44.31 -40.31
C ASP B 184 -25.38 -44.08 -40.70
N LYS B 185 -26.19 -43.68 -39.72
CA LYS B 185 -27.59 -43.43 -40.00
C LYS B 185 -27.91 -41.95 -39.83
N PHE B 186 -28.92 -41.47 -40.55
CA PHE B 186 -29.32 -40.08 -40.48
C PHE B 186 -30.17 -39.96 -39.23
N VAL B 187 -29.56 -39.51 -38.13
CA VAL B 187 -30.28 -39.37 -36.86
C VAL B 187 -30.59 -37.91 -36.53
N VAL B 188 -31.68 -37.71 -35.80
CA VAL B 188 -32.12 -36.38 -35.39
C VAL B 188 -32.62 -36.47 -33.95
N GLY B 189 -32.84 -35.31 -33.32
CA GLY B 189 -33.33 -35.32 -31.96
C GLY B 189 -32.27 -35.05 -30.90
N TYR B 190 -32.75 -34.68 -29.72
CA TYR B 190 -31.91 -34.35 -28.55
C TYR B 190 -31.04 -33.12 -28.78
N ALA B 191 -30.03 -33.24 -29.63
CA ALA B 191 -29.15 -32.11 -29.93
C ALA B 191 -28.78 -32.17 -31.41
N LEU B 192 -29.66 -32.75 -32.21
CA LEU B 192 -29.39 -32.88 -33.64
C LEU B 192 -30.60 -32.45 -34.47
N ASP B 193 -30.71 -31.16 -34.73
CA ASP B 193 -31.83 -30.65 -35.50
C ASP B 193 -31.63 -30.87 -36.99
N TYR B 194 -32.74 -30.82 -37.73
CA TYR B 194 -32.72 -30.96 -39.18
C TYR B 194 -33.47 -29.73 -39.67
N ASN B 195 -32.73 -28.78 -40.23
CA ASN B 195 -33.33 -27.55 -40.73
C ASN B 195 -34.18 -26.88 -39.64
N GLU B 196 -33.69 -27.00 -38.40
CA GLU B 196 -34.34 -26.43 -37.22
C GLU B 196 -35.56 -27.17 -36.71
N TYR B 197 -35.82 -28.36 -37.25
CA TYR B 197 -36.94 -29.17 -36.78
C TYR B 197 -36.34 -30.24 -35.87
N PHE B 198 -37.20 -30.90 -35.09
CA PHE B 198 -36.78 -31.97 -34.16
C PHE B 198 -36.07 -31.51 -32.90
N ARG B 199 -36.03 -30.20 -32.64
CA ARG B 199 -35.39 -29.75 -31.41
C ARG B 199 -36.24 -30.16 -30.21
N ASP B 200 -37.54 -30.27 -30.42
CA ASP B 200 -38.46 -30.65 -29.36
C ASP B 200 -38.51 -32.17 -29.15
N LEU B 201 -37.80 -32.91 -30.00
CA LEU B 201 -37.72 -34.36 -29.88
C LEU B 201 -36.55 -34.66 -28.93
N ASN B 202 -36.86 -35.26 -27.78
CA ASN B 202 -35.85 -35.59 -26.77
C ASN B 202 -34.99 -36.82 -27.03
N HIS B 203 -35.49 -37.74 -27.84
CA HIS B 203 -34.75 -38.97 -28.16
C HIS B 203 -33.92 -38.82 -29.43
N VAL B 204 -32.89 -39.65 -29.58
CA VAL B 204 -32.12 -39.65 -30.81
C VAL B 204 -32.87 -40.70 -31.64
N CYS B 205 -33.35 -40.29 -32.81
CA CYS B 205 -34.11 -41.18 -33.67
C CYS B 205 -33.68 -41.13 -35.13
N VAL B 206 -33.99 -42.17 -35.90
CA VAL B 206 -33.67 -42.22 -37.33
C VAL B 206 -34.81 -41.51 -38.08
N ILE B 207 -34.45 -40.55 -38.94
CA ILE B 207 -35.44 -39.80 -39.70
C ILE B 207 -35.98 -40.65 -40.86
N SER B 208 -37.21 -40.38 -41.28
CA SER B 208 -37.82 -41.11 -42.39
C SER B 208 -37.72 -40.28 -43.66
N GLU B 209 -37.95 -40.93 -44.81
CA GLU B 209 -37.90 -40.20 -46.07
C GLU B 209 -38.97 -39.13 -46.06
N THR B 210 -40.08 -39.42 -45.39
CA THR B 210 -41.19 -38.46 -45.28
C THR B 210 -40.71 -37.19 -44.55
N GLY B 211 -40.08 -37.39 -43.40
CA GLY B 211 -39.60 -36.25 -42.64
C GLY B 211 -38.51 -35.49 -43.36
N LYS B 212 -37.64 -36.24 -44.04
CA LYS B 212 -36.53 -35.67 -44.79
C LYS B 212 -37.04 -34.70 -45.84
N ALA B 213 -38.10 -35.10 -46.55
CA ALA B 213 -38.70 -34.28 -47.59
C ALA B 213 -39.50 -33.13 -47.01
N LYS B 214 -40.35 -33.44 -46.03
CA LYS B 214 -41.19 -32.44 -45.39
C LYS B 214 -40.42 -31.27 -44.80
N TYR B 215 -39.31 -31.55 -44.11
CA TYR B 215 -38.54 -30.49 -43.47
C TYR B 215 -37.28 -30.05 -44.21
N LYS B 216 -37.14 -30.46 -45.47
CA LYS B 216 -35.99 -30.10 -46.26
C LYS B 216 -35.94 -28.58 -46.44
N ALA B 217 -34.74 -28.03 -46.38
CA ALA B 217 -34.57 -26.58 -46.55
C ALA B 217 -35.05 -26.19 -47.95
N SER C 4 35.38 41.81 41.15
CA SER C 4 35.12 42.70 40.03
C SER C 4 33.66 42.64 39.58
N PRO C 5 33.06 43.81 39.28
CA PRO C 5 31.67 43.92 38.83
C PRO C 5 31.51 43.75 37.33
N GLY C 6 32.61 43.52 36.62
CA GLY C 6 32.56 43.36 35.17
C GLY C 6 32.47 44.71 34.50
N VAL C 7 32.04 44.73 33.24
CA VAL C 7 31.88 46.00 32.53
C VAL C 7 30.61 46.63 33.05
N VAL C 8 30.75 47.75 33.76
CA VAL C 8 29.59 48.41 34.32
C VAL C 8 28.97 49.39 33.32
N ILE C 9 27.72 49.13 32.96
CA ILE C 9 27.02 50.01 32.04
C ILE C 9 26.15 50.92 32.91
N SER C 10 26.32 52.22 32.73
CA SER C 10 25.60 53.21 33.53
C SER C 10 24.11 53.26 33.24
N ASP C 11 23.36 53.84 34.18
CA ASP C 11 21.92 53.96 34.00
C ASP C 11 21.57 54.89 32.85
N ASP C 12 22.41 55.89 32.59
CA ASP C 12 22.09 56.81 31.50
C ASP C 12 22.71 56.40 30.16
N GLU C 13 23.22 55.17 30.08
CA GLU C 13 23.81 54.69 28.83
C GLU C 13 22.77 54.77 27.73
N PRO C 14 23.03 55.53 26.67
CA PRO C 14 22.08 55.69 25.57
C PRO C 14 22.07 54.52 24.56
N GLY C 15 23.15 53.74 24.55
CA GLY C 15 23.23 52.63 23.62
C GLY C 15 23.57 53.12 22.23
N TYR C 16 23.42 52.24 21.23
CA TYR C 16 23.73 52.59 19.86
C TYR C 16 22.50 52.68 18.96
N ASP C 17 22.53 53.63 18.04
CA ASP C 17 21.44 53.78 17.09
C ASP C 17 21.45 52.47 16.30
N LEU C 18 20.27 51.97 15.96
CA LEU C 18 20.18 50.71 15.22
C LEU C 18 20.89 50.75 13.85
N ASP C 19 20.89 51.91 13.22
CA ASP C 19 21.51 52.06 11.90
C ASP C 19 23.03 51.87 11.87
N LEU C 20 23.66 51.81 13.05
CA LEU C 20 25.11 51.63 13.12
C LEU C 20 25.51 50.17 13.11
N PHE C 21 24.52 49.29 13.24
CA PHE C 21 24.77 47.86 13.28
C PHE C 21 23.89 47.08 12.30
N CYS C 22 24.24 45.82 12.07
CA CYS C 22 23.47 44.98 11.17
C CYS C 22 22.45 44.23 12.03
N ILE C 23 21.20 44.64 11.91
CA ILE C 23 20.12 44.04 12.68
C ILE C 23 19.17 43.34 11.72
N PRO C 24 18.63 42.18 12.09
CA PRO C 24 17.71 41.50 11.18
C PRO C 24 16.61 42.48 10.79
N ASN C 25 16.33 42.58 9.49
CA ASN C 25 15.31 43.50 9.02
C ASN C 25 13.96 43.27 9.73
N HIS C 26 13.57 42.01 9.93
CA HIS C 26 12.29 41.75 10.59
C HIS C 26 12.17 42.28 12.02
N TYR C 27 13.27 42.79 12.59
CA TYR C 27 13.23 43.35 13.94
C TYR C 27 13.43 44.87 13.92
N ALA C 28 13.48 45.44 12.72
CA ALA C 28 13.71 46.88 12.54
C ALA C 28 12.93 47.85 13.45
N GLU C 29 11.66 47.57 13.73
CA GLU C 29 10.86 48.46 14.59
C GLU C 29 10.57 47.88 15.96
N ASP C 30 11.19 46.73 16.25
CA ASP C 30 10.97 46.05 17.52
C ASP C 30 12.00 46.33 18.61
N LEU C 31 12.98 47.15 18.29
CA LEU C 31 14.04 47.48 19.25
C LEU C 31 14.27 48.98 19.29
N GLU C 32 14.71 49.48 20.44
CA GLU C 32 14.98 50.90 20.57
C GLU C 32 16.44 51.20 20.25
N ARG C 33 17.35 50.47 20.89
CA ARG C 33 18.77 50.69 20.68
C ARG C 33 19.56 49.40 20.91
N VAL C 34 20.79 49.36 20.37
CA VAL C 34 21.65 48.21 20.60
C VAL C 34 22.37 48.58 21.91
N PHE C 35 22.29 47.69 22.90
CA PHE C 35 22.90 47.93 24.21
C PHE C 35 24.28 47.31 24.33
N ILE C 36 24.41 46.03 23.98
CA ILE C 36 25.72 45.36 24.03
C ILE C 36 25.92 44.61 22.72
N PRO C 37 26.83 45.11 21.87
CA PRO C 37 27.13 44.48 20.58
C PRO C 37 27.61 43.04 20.76
N HIS C 38 27.15 42.16 19.88
CA HIS C 38 27.57 40.76 19.94
C HIS C 38 29.08 40.62 20.09
N GLY C 39 29.80 41.41 19.30
CA GLY C 39 31.26 41.35 19.34
C GLY C 39 31.84 41.65 20.70
N LEU C 40 31.25 42.61 21.40
CA LEU C 40 31.70 43.00 22.73
C LEU C 40 31.39 41.87 23.70
N ILE C 41 30.24 41.22 23.51
CA ILE C 41 29.85 40.12 24.38
C ILE C 41 30.91 39.04 24.27
N MET C 42 31.31 38.72 23.04
CA MET C 42 32.33 37.70 22.82
C MET C 42 33.66 38.08 23.46
N ASP C 43 34.11 39.32 23.24
CA ASP C 43 35.39 39.76 23.80
C ASP C 43 35.39 39.67 25.32
N ARG C 44 34.29 40.08 25.94
CA ARG C 44 34.18 40.04 27.39
C ARG C 44 34.15 38.58 27.87
N THR C 45 33.44 37.75 27.13
CA THR C 45 33.32 36.34 27.49
C THR C 45 34.68 35.65 27.38
N GLU C 46 35.52 36.11 26.47
CA GLU C 46 36.84 35.52 26.30
C GLU C 46 37.68 35.84 27.55
N ARG C 47 37.50 37.05 28.08
CA ARG C 47 38.25 37.43 29.28
C ARG C 47 37.72 36.65 30.47
N LEU C 48 36.41 36.44 30.53
CA LEU C 48 35.84 35.68 31.63
C LEU C 48 36.39 34.26 31.62
N ALA C 49 36.60 33.71 30.43
CA ALA C 49 37.13 32.36 30.32
C ALA C 49 38.54 32.30 30.90
N ARG C 50 39.32 33.34 30.64
CA ARG C 50 40.69 33.38 31.16
C ARG C 50 40.68 33.53 32.69
N ASP C 51 39.76 34.33 33.21
CA ASP C 51 39.65 34.53 34.65
C ASP C 51 39.26 33.22 35.33
N VAL C 52 38.34 32.48 34.70
CA VAL C 52 37.89 31.22 35.25
C VAL C 52 39.05 30.21 35.27
N MET C 53 39.75 30.08 34.15
CA MET C 53 40.86 29.13 34.09
C MET C 53 42.00 29.52 35.04
N LYS C 54 42.19 30.82 35.23
CA LYS C 54 43.25 31.27 36.12
C LYS C 54 43.00 30.81 37.56
N GLU C 55 41.73 30.81 37.96
CA GLU C 55 41.37 30.42 39.32
C GLU C 55 40.86 28.97 39.48
N MET C 56 40.35 28.39 38.41
CA MET C 56 39.78 27.06 38.50
C MET C 56 40.40 26.04 37.54
N GLY C 57 41.17 26.51 36.57
CA GLY C 57 41.76 25.63 35.58
C GLY C 57 42.78 24.58 36.02
N GLY C 58 43.25 24.65 37.27
CA GLY C 58 44.23 23.68 37.72
C GLY C 58 43.70 22.25 37.85
N HIS C 59 42.40 22.10 38.01
CA HIS C 59 41.83 20.78 38.18
C HIS C 59 40.48 20.57 37.50
N HIS C 60 39.91 19.40 37.73
CA HIS C 60 38.63 19.02 37.15
C HIS C 60 37.53 20.04 37.42
N ILE C 61 37.11 20.74 36.37
CA ILE C 61 36.04 21.71 36.49
C ILE C 61 34.71 21.09 36.08
N VAL C 62 33.69 21.35 36.89
CA VAL C 62 32.35 20.86 36.60
C VAL C 62 31.50 22.10 36.34
N ALA C 63 31.13 22.29 35.08
CA ALA C 63 30.32 23.45 34.70
C ALA C 63 28.84 23.13 34.80
N LEU C 64 28.17 23.73 35.77
CA LEU C 64 26.74 23.54 35.98
C LEU C 64 26.01 24.70 35.34
N CYS C 65 25.47 24.47 34.14
CA CYS C 65 24.76 25.52 33.43
C CYS C 65 23.26 25.54 33.76
N VAL C 66 22.83 26.65 34.35
CA VAL C 66 21.43 26.80 34.73
C VAL C 66 20.57 27.22 33.56
N LEU C 67 19.81 26.27 33.03
CA LEU C 67 18.94 26.48 31.89
C LEU C 67 17.78 27.45 32.19
N LYS C 68 17.71 28.52 31.42
CA LYS C 68 16.66 29.52 31.56
C LYS C 68 16.07 29.81 30.17
N GLY C 69 16.36 28.93 29.21
CA GLY C 69 15.84 29.10 27.86
C GLY C 69 16.89 29.42 26.80
N GLY C 70 18.07 29.88 27.23
CA GLY C 70 19.13 30.19 26.30
C GLY C 70 20.28 29.20 26.40
N TYR C 71 21.14 29.15 25.38
CA TYR C 71 22.26 28.22 25.41
C TYR C 71 23.55 28.90 24.94
N LYS C 72 23.40 29.97 24.17
CA LYS C 72 24.56 30.63 23.60
C LYS C 72 25.67 31.06 24.55
N PHE C 73 25.33 31.63 25.69
CA PHE C 73 26.39 32.05 26.61
C PHE C 73 27.14 30.83 27.14
N PHE C 74 26.41 29.79 27.52
CA PHE C 74 27.03 28.58 28.02
C PHE C 74 28.01 28.07 26.96
N ALA C 75 27.54 28.00 25.72
CA ALA C 75 28.36 27.50 24.62
C ALA C 75 29.60 28.34 24.34
N ASP C 76 29.42 29.66 24.27
CA ASP C 76 30.56 30.54 24.01
C ASP C 76 31.58 30.52 25.12
N LEU C 77 31.12 30.58 26.37
CA LEU C 77 32.05 30.56 27.51
C LEU C 77 32.82 29.24 27.53
N LEU C 78 32.09 28.12 27.41
CA LEU C 78 32.72 26.81 27.42
C LEU C 78 33.69 26.64 26.25
N ASP C 79 33.33 27.19 25.08
CA ASP C 79 34.20 27.13 23.91
C ASP C 79 35.54 27.82 24.22
N TYR C 80 35.50 29.00 24.83
CA TYR C 80 36.73 29.72 25.15
C TYR C 80 37.51 29.00 26.25
N ILE C 81 36.78 28.44 27.23
CA ILE C 81 37.44 27.72 28.31
C ILE C 81 38.17 26.53 27.71
N LYS C 82 37.51 25.82 26.80
CA LYS C 82 38.11 24.66 26.16
C LYS C 82 39.35 25.02 25.34
N ALA C 83 39.30 26.14 24.63
CA ALA C 83 40.44 26.57 23.83
C ALA C 83 41.66 26.82 24.72
N LEU C 84 41.39 27.17 25.98
CA LEU C 84 42.47 27.41 26.93
C LEU C 84 42.93 26.06 27.51
N ASN C 85 41.99 25.16 27.72
CA ASN C 85 42.30 23.83 28.26
C ASN C 85 43.25 23.08 27.32
N ARG C 86 43.08 23.31 26.02
CA ARG C 86 43.91 22.65 25.01
C ARG C 86 45.42 22.85 25.15
N ASN C 87 45.85 24.01 25.64
CA ASN C 87 47.27 24.31 25.77
C ASN C 87 47.93 23.69 26.99
N SER C 88 47.14 23.11 27.89
CA SER C 88 47.65 22.49 29.10
C SER C 88 48.64 21.37 28.81
N ASP C 89 49.73 21.30 29.58
CA ASP C 89 50.70 20.25 29.36
C ASP C 89 50.14 18.88 29.75
N ARG C 90 49.32 18.85 30.80
CA ARG C 90 48.71 17.59 31.21
C ARG C 90 47.21 17.64 30.87
N SER C 91 46.64 16.48 30.56
CA SER C 91 45.22 16.41 30.22
C SER C 91 44.40 16.58 31.50
N ILE C 92 43.55 17.59 31.53
CA ILE C 92 42.70 17.84 32.70
C ILE C 92 41.25 17.65 32.26
N PRO C 93 40.54 16.71 32.92
CA PRO C 93 39.15 16.49 32.53
C PRO C 93 38.24 17.67 32.90
N MET C 94 37.05 17.67 32.33
CA MET C 94 36.08 18.72 32.59
C MET C 94 34.70 18.13 32.34
N THR C 95 33.77 18.49 33.22
CA THR C 95 32.41 18.01 33.10
C THR C 95 31.48 19.16 32.80
N VAL C 96 30.55 18.94 31.88
CA VAL C 96 29.58 19.96 31.50
C VAL C 96 28.21 19.37 31.75
N ASP C 97 27.38 20.11 32.49
CA ASP C 97 26.04 19.63 32.80
C ASP C 97 25.05 20.79 32.78
N PHE C 98 23.99 20.65 32.00
CA PHE C 98 22.96 21.68 31.95
C PHE C 98 21.89 21.24 32.93
N ILE C 99 21.69 22.03 33.98
CA ILE C 99 20.72 21.73 35.02
C ILE C 99 19.53 22.68 35.08
N ARG C 100 18.49 22.24 35.79
CA ARG C 100 17.30 23.02 35.98
C ARG C 100 17.01 23.09 37.48
N LEU C 101 16.67 24.29 37.97
CA LEU C 101 16.39 24.49 39.38
C LEU C 101 14.91 24.29 39.69
N LYS C 102 14.62 23.61 40.79
CA LYS C 102 13.24 23.36 41.20
C LYS C 102 12.97 24.06 42.53
N ILE C 113 15.64 24.05 47.31
CA ILE C 113 15.94 23.92 45.89
C ILE C 113 16.43 22.54 45.52
N LYS C 114 15.83 21.95 44.48
CA LYS C 114 16.24 20.63 44.02
C LYS C 114 16.87 20.74 42.64
N VAL C 115 18.01 20.09 42.47
CA VAL C 115 18.72 20.11 41.21
C VAL C 115 18.50 18.79 40.48
N ILE C 116 18.25 18.87 39.17
CA ILE C 116 18.03 17.68 38.37
C ILE C 116 19.33 17.22 37.72
N GLY C 117 19.71 17.87 36.62
CA GLY C 117 20.94 17.52 35.94
C GLY C 117 21.02 16.06 35.53
N GLY C 118 22.22 15.59 35.21
CA GLY C 118 22.39 14.21 34.79
C GLY C 118 23.33 13.42 35.68
N ASP C 119 23.99 14.11 36.62
CA ASP C 119 24.93 13.44 37.52
C ASP C 119 24.57 13.71 38.97
N ASP C 120 24.85 12.74 39.83
CA ASP C 120 24.58 12.86 41.26
C ASP C 120 25.44 13.99 41.81
N LEU C 121 24.88 14.77 42.73
CA LEU C 121 25.63 15.88 43.31
C LEU C 121 26.86 15.41 44.08
N SER C 122 26.90 14.12 44.42
CA SER C 122 28.05 13.60 45.15
C SER C 122 29.30 13.58 44.27
N THR C 123 29.13 13.70 42.96
CA THR C 123 30.27 13.70 42.05
C THR C 123 30.98 15.06 42.08
N LEU C 124 30.37 16.03 42.74
CA LEU C 124 30.94 17.37 42.82
C LEU C 124 32.02 17.44 43.90
N THR C 125 32.05 16.45 44.77
CA THR C 125 33.02 16.40 45.85
C THR C 125 34.45 16.44 45.34
N GLY C 126 35.23 17.39 45.85
CA GLY C 126 36.62 17.52 45.46
C GLY C 126 36.89 18.14 44.09
N LYS C 127 35.86 18.60 43.42
CA LYS C 127 36.05 19.21 42.10
C LYS C 127 35.77 20.71 42.12
N ASN C 128 36.20 21.41 41.07
CA ASN C 128 35.99 22.85 40.99
C ASN C 128 34.67 23.09 40.26
N VAL C 129 33.66 23.47 41.03
CA VAL C 129 32.33 23.72 40.47
C VAL C 129 32.10 25.15 40.01
N LEU C 130 31.68 25.29 38.77
CA LEU C 130 31.39 26.60 38.20
C LEU C 130 29.93 26.65 37.79
N ILE C 131 29.16 27.49 38.47
CA ILE C 131 27.74 27.65 38.14
C ILE C 131 27.69 28.75 37.09
N VAL C 132 27.06 28.48 35.96
CA VAL C 132 26.99 29.46 34.89
C VAL C 132 25.56 29.88 34.61
N GLU C 133 25.37 31.18 34.45
CA GLU C 133 24.05 31.72 34.16
C GLU C 133 24.13 32.85 33.16
N ASP C 134 23.04 33.06 32.41
CA ASP C 134 22.97 34.12 31.41
C ASP C 134 22.77 35.46 32.11
N ILE C 135 21.93 35.47 33.13
CA ILE C 135 21.61 36.69 33.85
C ILE C 135 21.18 36.42 35.28
N ILE C 136 21.56 37.31 36.19
CA ILE C 136 21.19 37.22 37.60
C ILE C 136 20.40 38.49 37.93
N ASP C 137 19.19 38.32 38.44
CA ASP C 137 18.32 39.45 38.78
C ASP C 137 18.20 39.64 40.30
N THR C 138 17.64 38.63 40.97
CA THR C 138 17.46 38.67 42.43
C THR C 138 18.71 38.25 43.19
N GLY C 139 19.06 36.96 43.08
CA GLY C 139 20.24 36.47 43.78
C GLY C 139 19.92 35.54 44.94
N LYS C 140 18.71 35.61 45.45
CA LYS C 140 18.29 34.75 46.57
C LYS C 140 18.43 33.29 46.20
N THR C 141 17.93 32.92 45.03
CA THR C 141 18.00 31.54 44.56
C THR C 141 19.45 31.10 44.41
N MET C 142 20.30 32.03 43.99
CA MET C 142 21.71 31.72 43.80
C MET C 142 22.36 31.32 45.13
N GLN C 143 22.11 32.12 46.16
CA GLN C 143 22.66 31.85 47.49
C GLN C 143 22.21 30.49 47.99
N THR C 144 20.95 30.14 47.75
CA THR C 144 20.44 28.86 48.19
C THR C 144 21.09 27.71 47.42
N LEU C 145 21.33 27.91 46.13
CA LEU C 145 21.97 26.89 45.30
C LEU C 145 23.41 26.71 45.76
N LEU C 146 24.08 27.80 46.09
CA LEU C 146 25.46 27.72 46.55
C LEU C 146 25.55 26.95 47.86
N SER C 147 24.55 27.10 48.72
CA SER C 147 24.54 26.38 49.99
C SER C 147 24.37 24.88 49.76
N LEU C 148 23.51 24.53 48.79
CA LEU C 148 23.26 23.13 48.46
C LEU C 148 24.55 22.47 47.98
N VAL C 149 25.12 23.03 46.90
CA VAL C 149 26.37 22.54 46.34
C VAL C 149 27.47 22.45 47.39
N ARG C 150 27.56 23.46 48.25
CA ARG C 150 28.61 23.48 49.27
C ARG C 150 28.51 22.29 50.23
N GLN C 151 27.32 21.70 50.32
CA GLN C 151 27.10 20.56 51.21
C GLN C 151 27.79 19.28 50.76
N TYR C 152 28.19 19.21 49.50
CA TYR C 152 28.86 18.01 48.99
C TYR C 152 30.37 18.17 48.99
N ASN C 153 30.85 19.20 49.67
CA ASN C 153 32.27 19.50 49.81
C ASN C 153 33.08 19.59 48.51
N PRO C 154 32.70 20.50 47.61
CA PRO C 154 33.49 20.59 46.38
C PRO C 154 34.77 21.35 46.74
N LYS C 155 35.81 21.21 45.92
CA LYS C 155 37.07 21.90 46.17
C LYS C 155 36.77 23.40 46.24
N MET C 156 35.89 23.85 45.35
CA MET C 156 35.48 25.25 45.31
C MET C 156 34.19 25.38 44.49
N VAL C 157 33.46 26.45 44.74
CA VAL C 157 32.22 26.74 44.00
C VAL C 157 32.27 28.21 43.62
N LYS C 158 32.16 28.50 42.33
CA LYS C 158 32.18 29.87 41.83
C LYS C 158 31.00 30.04 40.89
N VAL C 159 30.67 31.31 40.63
CA VAL C 159 29.54 31.62 39.75
C VAL C 159 29.93 32.65 38.69
N ALA C 160 29.54 32.37 37.45
CA ALA C 160 29.80 33.28 36.34
C ALA C 160 28.44 33.61 35.73
N SER C 161 28.19 34.89 35.51
CA SER C 161 26.94 35.33 34.92
C SER C 161 27.27 36.33 33.83
N LEU C 162 26.65 36.17 32.66
CA LEU C 162 26.91 37.09 31.57
C LEU C 162 26.47 38.50 31.95
N LEU C 163 25.29 38.59 32.56
CA LEU C 163 24.72 39.87 32.95
C LEU C 163 24.28 39.88 34.40
N VAL C 164 24.34 41.06 34.99
CA VAL C 164 23.87 41.27 36.34
C VAL C 164 23.02 42.51 36.18
N LYS C 165 21.73 42.41 36.44
CA LYS C 165 20.85 43.56 36.29
C LYS C 165 20.66 44.18 37.68
N ARG C 166 20.83 45.49 37.77
CA ARG C 166 20.66 46.18 39.04
C ARG C 166 19.16 46.37 39.26
N THR C 167 18.60 45.61 40.18
CA THR C 167 17.17 45.71 40.45
C THR C 167 16.97 45.94 41.94
N PRO C 168 15.86 46.60 42.32
CA PRO C 168 15.58 46.87 43.73
C PRO C 168 15.20 45.60 44.49
N ARG C 169 15.44 44.45 43.86
CA ARG C 169 15.13 43.16 44.46
C ARG C 169 16.42 42.40 44.76
N SER C 170 17.55 42.94 44.30
CA SER C 170 18.84 42.30 44.52
C SER C 170 19.16 42.17 46.00
N VAL C 171 19.55 40.96 46.41
CA VAL C 171 19.89 40.69 47.79
C VAL C 171 21.33 41.15 48.08
N GLY C 172 21.97 41.72 47.08
CA GLY C 172 23.33 42.20 47.25
C GLY C 172 24.37 41.16 46.89
N TYR C 173 23.93 40.04 46.32
CA TYR C 173 24.85 38.97 45.93
C TYR C 173 25.75 39.47 44.80
N LYS C 174 26.98 38.98 44.78
CA LYS C 174 27.94 39.35 43.75
C LYS C 174 28.60 38.10 43.17
N PRO C 175 28.31 37.80 41.89
CA PRO C 175 28.89 36.62 41.24
C PRO C 175 30.41 36.75 41.22
N ASP C 176 31.12 35.64 41.13
CA ASP C 176 32.58 35.69 41.09
C ASP C 176 33.07 36.22 39.74
N PHE C 177 32.34 35.91 38.68
CA PHE C 177 32.70 36.36 37.34
C PHE C 177 31.47 36.99 36.70
N VAL C 178 31.58 38.27 36.35
CA VAL C 178 30.45 38.98 35.74
C VAL C 178 30.83 39.60 34.41
N GLY C 179 30.02 39.35 33.38
CA GLY C 179 30.30 39.92 32.08
C GLY C 179 30.03 41.41 32.06
N PHE C 180 28.77 41.78 32.21
CA PHE C 180 28.34 43.17 32.19
C PHE C 180 27.33 43.42 33.31
N GLU C 181 27.39 44.60 33.92
CA GLU C 181 26.41 44.94 34.94
C GLU C 181 25.55 46.01 34.26
N ILE C 182 24.27 45.72 34.08
CA ILE C 182 23.39 46.65 33.38
C ILE C 182 22.27 47.22 34.23
N PRO C 183 21.66 48.32 33.75
CA PRO C 183 20.55 48.93 34.50
C PRO C 183 19.33 48.04 34.30
N ASP C 184 18.28 48.32 35.08
CA ASP C 184 17.05 47.55 35.01
C ASP C 184 16.26 47.84 33.75
N LYS C 185 16.72 47.31 32.61
CA LYS C 185 16.01 47.54 31.36
C LYS C 185 15.56 46.24 30.71
N PHE C 186 14.55 46.34 29.85
CA PHE C 186 13.99 45.19 29.16
C PHE C 186 14.87 44.90 27.95
N VAL C 187 15.87 44.04 28.12
CA VAL C 187 16.75 43.70 27.01
C VAL C 187 16.46 42.32 26.46
N VAL C 188 16.75 42.14 25.17
CA VAL C 188 16.54 40.87 24.49
C VAL C 188 17.74 40.64 23.57
N GLY C 189 17.85 39.43 23.02
CA GLY C 189 18.97 39.14 22.12
C GLY C 189 20.06 38.29 22.75
N TYR C 190 20.84 37.63 21.88
CA TYR C 190 21.95 36.75 22.25
C TYR C 190 21.49 35.51 23.03
N ALA C 191 21.03 35.71 24.26
CA ALA C 191 20.57 34.59 25.08
C ALA C 191 19.31 34.97 25.87
N LEU C 192 18.63 36.02 25.45
CA LEU C 192 17.44 36.48 26.15
C LEU C 192 16.22 36.60 25.23
N ASP C 193 15.56 35.48 24.97
CA ASP C 193 14.40 35.52 24.08
C ASP C 193 13.19 36.14 24.76
N TYR C 194 12.26 36.59 23.94
CA TYR C 194 11.01 37.17 24.41
C TYR C 194 9.94 36.36 23.71
N ASN C 195 9.23 35.52 24.46
CA ASN C 195 8.20 34.65 23.91
C ASN C 195 8.73 33.84 22.73
N GLU C 196 9.99 33.44 22.81
CA GLU C 196 10.68 32.64 21.80
C GLU C 196 11.10 33.42 20.55
N TYR C 197 11.01 34.75 20.64
CA TYR C 197 11.44 35.64 19.55
C TYR C 197 12.80 36.25 19.95
N PHE C 198 13.52 36.78 18.97
CA PHE C 198 14.84 37.39 19.17
C PHE C 198 15.98 36.39 19.36
N ARG C 199 15.73 35.11 19.14
CA ARG C 199 16.79 34.13 19.29
C ARG C 199 17.84 34.40 18.21
N ASP C 200 17.37 34.83 17.03
CA ASP C 200 18.25 35.13 15.89
C ASP C 200 18.95 36.49 15.96
N LEU C 201 18.64 37.27 16.99
CA LEU C 201 19.28 38.58 17.18
C LEU C 201 20.52 38.28 18.01
N ASN C 202 21.71 38.58 17.49
CA ASN C 202 22.95 38.29 18.21
C ASN C 202 23.41 39.35 19.19
N HIS C 203 22.90 40.58 19.04
CA HIS C 203 23.27 41.68 19.93
C HIS C 203 22.26 41.79 21.07
N VAL C 204 22.68 42.30 22.21
CA VAL C 204 21.73 42.50 23.31
C VAL C 204 21.17 43.89 23.03
N CYS C 205 19.85 43.99 22.94
CA CYS C 205 19.19 45.27 22.64
C CYS C 205 18.03 45.55 23.58
N VAL C 206 17.62 46.83 23.62
CA VAL C 206 16.48 47.21 24.45
C VAL C 206 15.27 47.09 23.54
N ILE C 207 14.29 46.31 23.98
CA ILE C 207 13.09 46.10 23.19
C ILE C 207 12.28 47.39 23.09
N SER C 208 11.53 47.55 22.00
CA SER C 208 10.70 48.73 21.81
C SER C 208 9.28 48.40 22.25
N GLU C 209 8.44 49.43 22.40
CA GLU C 209 7.05 49.21 22.80
C GLU C 209 6.35 48.40 21.71
N THR C 210 6.73 48.67 20.47
CA THR C 210 6.16 47.98 19.32
C THR C 210 6.48 46.49 19.41
N GLY C 211 7.74 46.18 19.68
CA GLY C 211 8.16 44.80 19.78
C GLY C 211 7.49 44.05 20.93
N LYS C 212 7.39 44.71 22.07
CA LYS C 212 6.78 44.12 23.25
C LYS C 212 5.34 43.69 22.97
N ALA C 213 4.60 44.55 22.28
CA ALA C 213 3.21 44.26 21.95
C ALA C 213 3.11 43.26 20.81
N LYS C 214 3.95 43.42 19.80
CA LYS C 214 3.93 42.53 18.65
C LYS C 214 4.20 41.07 18.99
N TYR C 215 5.15 40.83 19.90
CA TYR C 215 5.52 39.46 20.25
C TYR C 215 4.94 38.95 21.58
N LYS C 216 4.11 39.75 22.24
CA LYS C 216 3.50 39.36 23.50
C LYS C 216 2.85 37.98 23.40
N ALA C 217 2.93 37.21 24.49
CA ALA C 217 2.34 35.87 24.53
C ALA C 217 0.84 35.93 24.36
N SER D 4 27.03 58.69 7.06
CA SER D 4 27.05 59.06 8.47
C SER D 4 28.49 59.14 8.99
N PRO D 5 28.70 59.89 10.08
CA PRO D 5 30.05 60.03 10.66
C PRO D 5 30.56 58.71 11.23
N GLY D 6 29.67 57.73 11.34
CA GLY D 6 30.06 56.43 11.88
C GLY D 6 29.92 56.44 13.39
N VAL D 7 30.48 55.44 14.06
CA VAL D 7 30.42 55.39 15.51
C VAL D 7 31.37 56.45 16.05
N VAL D 8 30.82 57.47 16.70
CA VAL D 8 31.65 58.55 17.24
C VAL D 8 32.14 58.25 18.65
N ILE D 9 33.44 58.41 18.85
CA ILE D 9 34.08 58.20 20.15
C ILE D 9 34.63 59.56 20.60
N SER D 10 34.06 60.11 21.68
CA SER D 10 34.46 61.42 22.21
C SER D 10 35.94 61.53 22.59
N ASP D 11 36.46 62.75 22.62
CA ASP D 11 37.86 62.98 22.95
C ASP D 11 38.21 62.65 24.39
N ASP D 12 37.22 62.62 25.27
CA ASP D 12 37.47 62.32 26.67
C ASP D 12 37.11 60.87 27.02
N GLU D 13 36.91 60.05 25.98
CA GLU D 13 36.57 58.65 26.20
C GLU D 13 37.83 57.98 26.76
N PRO D 14 37.76 57.48 27.99
CA PRO D 14 38.90 56.82 28.64
C PRO D 14 39.14 55.38 28.20
N GLY D 15 38.28 54.86 27.35
CA GLY D 15 38.46 53.48 26.90
C GLY D 15 38.24 52.52 28.06
N TYR D 16 38.45 51.23 27.82
CA TYR D 16 38.25 50.23 28.86
C TYR D 16 39.54 49.81 29.57
N ASP D 17 39.43 49.52 30.86
CA ASP D 17 40.59 49.06 31.61
C ASP D 17 41.04 47.79 30.87
N LEU D 18 42.35 47.59 30.77
CA LEU D 18 42.90 46.43 30.09
C LEU D 18 42.47 45.13 30.75
N ASP D 19 42.22 45.20 32.06
CA ASP D 19 41.82 44.04 32.87
C ASP D 19 40.48 43.43 32.48
N LEU D 20 39.70 44.14 31.69
CA LEU D 20 38.39 43.64 31.29
C LEU D 20 38.43 42.86 29.98
N PHE D 21 39.58 42.87 29.31
CA PHE D 21 39.71 42.17 28.05
C PHE D 21 40.90 41.22 28.00
N CYS D 22 40.85 40.31 27.04
CA CYS D 22 41.93 39.37 26.82
C CYS D 22 42.94 40.10 25.94
N ILE D 23 44.12 40.34 26.49
CA ILE D 23 45.20 41.02 25.80
C ILE D 23 46.45 40.15 25.93
N PRO D 24 47.26 40.04 24.87
CA PRO D 24 48.45 39.20 24.98
C PRO D 24 49.28 39.61 26.21
N ASN D 25 49.74 38.63 26.98
CA ASN D 25 50.54 38.92 28.16
C ASN D 25 51.75 39.80 27.87
N HIS D 26 52.42 39.58 26.75
CA HIS D 26 53.62 40.38 26.44
C HIS D 26 53.38 41.85 26.16
N TYR D 27 52.11 42.29 26.13
CA TYR D 27 51.80 43.70 25.90
C TYR D 27 51.25 44.35 27.18
N ALA D 28 51.29 43.61 28.27
CA ALA D 28 50.78 44.07 29.56
C ALA D 28 51.06 45.53 29.95
N GLU D 29 52.28 46.00 29.72
CA GLU D 29 52.62 47.37 30.10
C GLU D 29 52.79 48.31 28.93
N ASP D 30 52.58 47.77 27.73
CA ASP D 30 52.75 48.54 26.51
C ASP D 30 51.51 49.24 26.05
N LEU D 31 50.43 49.10 26.82
CA LEU D 31 49.17 49.72 26.48
C LEU D 31 48.56 50.45 27.68
N GLU D 32 47.69 51.42 27.41
CA GLU D 32 47.02 52.15 28.47
C GLU D 32 45.57 51.68 28.66
N ARG D 33 44.82 51.63 27.55
CA ARG D 33 43.42 51.22 27.59
C ARG D 33 43.00 50.57 26.28
N VAL D 34 41.90 49.84 26.30
CA VAL D 34 41.38 49.24 25.07
C VAL D 34 40.42 50.33 24.57
N PHE D 35 40.64 50.78 23.34
CA PHE D 35 39.82 51.85 22.77
C PHE D 35 38.62 51.31 21.99
N ILE D 36 38.87 50.31 21.16
CA ILE D 36 37.81 49.71 20.36
C ILE D 36 37.99 48.19 20.37
N PRO D 37 37.14 47.48 21.11
CA PRO D 37 37.22 46.02 21.18
C PRO D 37 37.09 45.36 19.81
N HIS D 38 37.92 44.35 19.56
CA HIS D 38 37.90 43.62 18.30
C HIS D 38 36.49 43.29 17.81
N GLY D 39 35.68 42.75 18.71
CA GLY D 39 34.31 42.37 18.37
C GLY D 39 33.44 43.54 17.93
N LEU D 40 33.71 44.72 18.49
CA LEU D 40 32.94 45.89 18.13
C LEU D 40 33.33 46.29 16.70
N ILE D 41 34.62 46.15 16.39
CA ILE D 41 35.13 46.48 15.07
C ILE D 41 34.43 45.57 14.05
N MET D 42 34.32 44.28 14.38
CA MET D 42 33.67 43.32 13.49
C MET D 42 32.20 43.67 13.24
N ASP D 43 31.46 43.95 14.32
CA ASP D 43 30.05 44.31 14.22
C ASP D 43 29.84 45.54 13.33
N ARG D 44 30.66 46.56 13.54
CA ARG D 44 30.55 47.78 12.74
C ARG D 44 30.91 47.49 11.29
N THR D 45 31.95 46.69 11.08
CA THR D 45 32.38 46.38 9.73
C THR D 45 31.30 45.59 9.00
N GLU D 46 30.54 44.76 9.72
CA GLU D 46 29.46 44.00 9.08
C GLU D 46 28.39 44.96 8.54
N ARG D 47 28.11 46.02 9.30
CA ARG D 47 27.14 47.00 8.85
C ARG D 47 27.68 47.76 7.65
N LEU D 48 28.96 48.09 7.67
CA LEU D 48 29.59 48.80 6.56
C LEU D 48 29.45 47.98 5.26
N ALA D 49 29.55 46.67 5.39
CA ALA D 49 29.43 45.80 4.23
C ALA D 49 28.01 45.95 3.66
N ARG D 50 27.01 45.93 4.54
CA ARG D 50 25.64 46.09 4.08
C ARG D 50 25.49 47.45 3.40
N ASP D 51 26.00 48.50 4.03
CA ASP D 51 25.91 49.85 3.43
C ASP D 51 26.59 49.90 2.06
N VAL D 52 27.76 49.30 1.94
CA VAL D 52 28.49 49.29 0.67
C VAL D 52 27.66 48.63 -0.44
N MET D 53 27.12 47.44 -0.18
CA MET D 53 26.33 46.77 -1.19
C MET D 53 25.07 47.54 -1.55
N LYS D 54 24.43 48.16 -0.56
CA LYS D 54 23.22 48.92 -0.85
C LYS D 54 23.50 50.05 -1.84
N GLU D 55 24.56 50.79 -1.58
CA GLU D 55 24.91 51.92 -2.42
C GLU D 55 25.70 51.62 -3.69
N MET D 56 26.56 50.62 -3.64
CA MET D 56 27.41 50.29 -4.79
C MET D 56 27.11 48.99 -5.54
N GLY D 57 26.15 48.21 -5.05
CA GLY D 57 25.82 46.96 -5.69
C GLY D 57 25.23 47.09 -7.08
N GLY D 58 25.00 48.32 -7.53
CA GLY D 58 24.44 48.54 -8.86
C GLY D 58 25.28 48.01 -10.02
N HIS D 59 26.59 47.95 -9.82
CA HIS D 59 27.51 47.47 -10.85
C HIS D 59 28.63 46.65 -10.22
N HIS D 60 29.42 46.00 -11.07
CA HIS D 60 30.56 45.20 -10.62
C HIS D 60 31.42 46.11 -9.75
N ILE D 61 31.76 45.65 -8.55
CA ILE D 61 32.59 46.44 -7.64
C ILE D 61 34.05 46.02 -7.63
N VAL D 62 34.94 47.00 -7.67
CA VAL D 62 36.37 46.73 -7.58
C VAL D 62 36.81 47.35 -6.26
N ALA D 63 37.20 46.51 -5.32
CA ALA D 63 37.66 46.97 -4.02
C ALA D 63 39.16 47.23 -4.11
N LEU D 64 39.52 48.50 -4.06
CA LEU D 64 40.92 48.90 -4.15
C LEU D 64 41.40 49.13 -2.71
N CYS D 65 42.15 48.18 -2.19
CA CYS D 65 42.63 48.29 -0.81
C CYS D 65 44.02 48.90 -0.72
N VAL D 66 44.11 50.02 -0.02
CA VAL D 66 45.36 50.75 0.13
C VAL D 66 46.23 50.17 1.24
N LEU D 67 47.27 49.43 0.83
CA LEU D 67 48.18 48.77 1.77
C LEU D 67 49.03 49.74 2.60
N LYS D 68 48.82 49.73 3.91
CA LYS D 68 49.59 50.59 4.79
C LYS D 68 50.29 49.73 5.84
N GLY D 69 50.26 48.41 5.64
CA GLY D 69 50.91 47.50 6.58
C GLY D 69 50.01 46.41 7.12
N GLY D 70 48.73 46.71 7.32
CA GLY D 70 47.79 45.72 7.85
C GLY D 70 46.88 45.16 6.76
N TYR D 71 46.18 44.08 7.06
CA TYR D 71 45.28 43.45 6.10
C TYR D 71 43.91 43.16 6.70
N LYS D 72 43.86 43.10 8.03
CA LYS D 72 42.66 42.79 8.78
C LYS D 72 41.39 43.49 8.35
N PHE D 73 41.41 44.81 8.23
CA PHE D 73 40.19 45.50 7.86
C PHE D 73 39.73 45.09 6.47
N PHE D 74 40.67 45.02 5.53
CA PHE D 74 40.33 44.63 4.16
C PHE D 74 39.66 43.27 4.17
N ALA D 75 40.33 42.31 4.81
CA ALA D 75 39.82 40.95 4.91
C ALA D 75 38.43 40.85 5.56
N ASP D 76 38.26 41.51 6.70
CA ASP D 76 36.97 41.46 7.39
C ASP D 76 35.86 42.11 6.57
N LEU D 77 36.13 43.27 5.98
CA LEU D 77 35.10 43.93 5.17
C LEU D 77 34.72 43.07 3.97
N LEU D 78 35.73 42.58 3.27
CA LEU D 78 35.52 41.72 2.10
C LEU D 78 34.79 40.43 2.48
N ASP D 79 35.17 39.83 3.60
CA ASP D 79 34.49 38.59 4.05
C ASP D 79 33.00 38.88 4.25
N TYR D 80 32.67 39.96 4.96
CA TYR D 80 31.26 40.29 5.20
C TYR D 80 30.52 40.60 3.90
N ILE D 81 31.20 41.26 2.97
CA ILE D 81 30.59 41.60 1.68
C ILE D 81 30.28 40.29 0.95
N LYS D 82 31.26 39.41 0.87
CA LYS D 82 31.08 38.12 0.19
C LYS D 82 29.98 37.28 0.85
N ALA D 83 29.89 37.35 2.18
CA ALA D 83 28.89 36.59 2.91
C ALA D 83 27.51 37.11 2.51
N LEU D 84 27.44 38.39 2.17
CA LEU D 84 26.19 39.00 1.77
C LEU D 84 25.82 38.56 0.36
N ASN D 85 26.77 38.67 -0.56
CA ASN D 85 26.52 38.31 -1.96
C ASN D 85 26.21 36.83 -2.13
N ARG D 86 26.59 36.05 -1.14
CA ARG D 86 26.38 34.61 -1.13
C ARG D 86 24.90 34.27 -1.32
N ASN D 87 24.02 35.11 -0.76
CA ASN D 87 22.59 34.90 -0.84
C ASN D 87 21.88 35.59 -2.00
N SER D 88 22.63 36.21 -2.91
CA SER D 88 22.03 36.90 -4.04
C SER D 88 21.49 35.93 -5.09
N ASP D 89 20.32 36.26 -5.64
CA ASP D 89 19.69 35.41 -6.65
C ASP D 89 20.55 35.26 -7.90
N ARG D 90 21.31 36.30 -8.22
CA ARG D 90 22.19 36.29 -9.38
C ARG D 90 23.63 36.32 -8.89
N SER D 91 24.51 35.60 -9.57
CA SER D 91 25.92 35.56 -9.19
C SER D 91 26.50 36.98 -9.35
N ILE D 92 27.17 37.46 -8.31
CA ILE D 92 27.75 38.81 -8.35
C ILE D 92 29.28 38.81 -8.46
N PRO D 93 29.81 39.21 -9.63
CA PRO D 93 31.27 39.24 -9.76
C PRO D 93 31.83 40.43 -8.99
N MET D 94 33.05 40.27 -8.49
CA MET D 94 33.70 41.33 -7.73
C MET D 94 35.21 41.18 -7.82
N THR D 95 35.90 42.31 -7.90
CA THR D 95 37.35 42.33 -8.01
C THR D 95 38.00 42.89 -6.76
N VAL D 96 39.08 42.25 -6.34
CA VAL D 96 39.81 42.64 -5.15
C VAL D 96 41.22 42.95 -5.62
N ASP D 97 41.66 44.19 -5.39
CA ASP D 97 42.99 44.61 -5.79
C ASP D 97 43.66 45.36 -4.63
N PHE D 98 44.91 45.01 -4.35
CA PHE D 98 45.66 45.69 -3.29
C PHE D 98 46.67 46.62 -3.92
N ILE D 99 46.49 47.92 -3.70
CA ILE D 99 47.40 48.90 -4.26
C ILE D 99 48.24 49.54 -3.17
N ARG D 100 49.35 50.15 -3.58
CA ARG D 100 50.24 50.79 -2.64
C ARG D 100 50.52 52.21 -3.10
N LEU D 101 50.62 53.12 -2.14
CA LEU D 101 50.89 54.52 -2.43
C LEU D 101 52.31 54.88 -2.02
N LYS D 102 53.19 55.01 -3.01
CA LYS D 102 54.58 55.36 -2.76
C LYS D 102 54.88 56.75 -3.32
N SER D 103 55.59 57.56 -2.54
CA SER D 103 55.93 58.91 -2.97
C SER D 103 57.05 58.88 -4.01
N GLY D 111 55.40 64.25 -1.53
CA GLY D 111 54.27 65.08 -1.87
C GLY D 111 53.39 64.45 -2.91
N ASP D 112 54.00 63.75 -3.87
CA ASP D 112 53.25 63.08 -4.93
C ASP D 112 52.89 61.67 -4.52
N ILE D 113 52.24 60.94 -5.42
CA ILE D 113 51.85 59.57 -5.14
C ILE D 113 51.89 58.72 -6.40
N LYS D 114 52.48 57.53 -6.29
CA LYS D 114 52.59 56.59 -7.41
C LYS D 114 51.86 55.30 -7.02
N VAL D 115 50.69 55.09 -7.62
CA VAL D 115 49.91 53.89 -7.33
C VAL D 115 50.51 52.63 -7.95
N ILE D 116 50.59 51.56 -7.17
CA ILE D 116 51.14 50.30 -7.63
C ILE D 116 50.06 49.23 -7.64
N GLY D 117 50.14 48.32 -8.59
CA GLY D 117 49.15 47.26 -8.68
C GLY D 117 49.11 46.37 -7.45
N LEU D 121 45.06 49.03 -14.52
CA LEU D 121 43.83 49.49 -13.88
C LEU D 121 42.77 49.87 -14.91
N SER D 122 42.95 49.39 -16.14
CA SER D 122 42.00 49.67 -17.21
C SER D 122 40.69 48.95 -16.93
N THR D 123 40.71 48.10 -15.91
CA THR D 123 39.54 47.33 -15.51
C THR D 123 38.56 48.18 -14.72
N LEU D 124 39.05 49.25 -14.11
CA LEU D 124 38.21 50.13 -13.31
C LEU D 124 37.16 50.80 -14.18
N THR D 125 37.33 50.70 -15.50
CA THR D 125 36.40 51.33 -16.43
C THR D 125 34.97 50.78 -16.37
N GLY D 126 34.02 51.67 -16.08
CA GLY D 126 32.63 51.27 -16.01
C GLY D 126 32.23 50.48 -14.78
N LYS D 127 33.14 50.36 -13.81
CA LYS D 127 32.81 49.62 -12.60
C LYS D 127 32.69 50.58 -11.42
N ASN D 128 32.18 50.07 -10.30
CA ASN D 128 32.05 50.89 -9.11
C ASN D 128 33.29 50.61 -8.27
N VAL D 129 34.10 51.64 -8.07
CA VAL D 129 35.35 51.50 -7.34
C VAL D 129 35.22 51.90 -5.88
N LEU D 130 35.61 50.97 -5.01
CA LEU D 130 35.56 51.20 -3.57
C LEU D 130 37.00 51.28 -3.07
N ILE D 131 37.38 52.46 -2.60
CA ILE D 131 38.72 52.63 -2.04
C ILE D 131 38.59 52.27 -0.57
N VAL D 132 39.41 51.34 -0.10
CA VAL D 132 39.33 50.93 1.30
C VAL D 132 40.61 51.26 2.07
N GLU D 133 40.46 51.90 3.21
CA GLU D 133 41.59 52.26 4.06
C GLU D 133 41.31 51.93 5.54
N ASP D 134 42.38 51.74 6.31
CA ASP D 134 42.27 51.44 7.74
C ASP D 134 42.07 52.73 8.50
N ILE D 135 42.78 53.76 8.07
CA ILE D 135 42.70 55.08 8.67
C ILE D 135 42.86 56.04 7.50
N ILE D 136 41.89 56.92 7.32
CA ILE D 136 41.89 57.86 6.23
C ILE D 136 43.09 58.80 6.26
N ASP D 137 43.73 58.96 5.11
CA ASP D 137 44.89 59.83 5.03
C ASP D 137 44.49 61.26 4.66
N THR D 138 45.47 62.16 4.68
CA THR D 138 45.25 63.57 4.38
C THR D 138 44.32 63.80 3.19
N GLY D 139 43.47 64.81 3.32
CA GLY D 139 42.54 65.12 2.25
C GLY D 139 43.28 65.38 0.95
N LYS D 140 44.52 65.86 1.08
CA LYS D 140 45.37 66.16 -0.07
C LYS D 140 45.79 64.89 -0.78
N THR D 141 46.16 63.87 -0.01
CA THR D 141 46.59 62.61 -0.58
C THR D 141 45.38 61.91 -1.20
N MET D 142 44.25 61.98 -0.50
CA MET D 142 43.02 61.36 -0.97
C MET D 142 42.59 62.02 -2.27
N GLN D 143 42.71 63.35 -2.32
CA GLN D 143 42.35 64.09 -3.53
C GLN D 143 43.21 63.62 -4.70
N THR D 144 44.49 63.36 -4.44
CA THR D 144 45.39 62.89 -5.48
C THR D 144 44.98 61.51 -5.99
N LEU D 145 44.73 60.59 -5.07
CA LEU D 145 44.32 59.23 -5.44
C LEU D 145 43.01 59.25 -6.23
N LEU D 146 42.05 60.07 -5.79
CA LEU D 146 40.77 60.18 -6.46
C LEU D 146 40.96 60.66 -7.89
N SER D 147 41.85 61.64 -8.07
CA SER D 147 42.11 62.15 -9.41
C SER D 147 42.67 61.03 -10.28
N LEU D 148 43.63 60.29 -9.74
CA LEU D 148 44.24 59.19 -10.48
C LEU D 148 43.21 58.14 -10.87
N VAL D 149 42.39 57.72 -9.90
CA VAL D 149 41.37 56.71 -10.19
C VAL D 149 40.33 57.20 -11.20
N ARG D 150 39.92 58.45 -11.09
CA ARG D 150 38.93 59.00 -12.02
C ARG D 150 39.38 58.99 -13.48
N GLN D 151 40.69 58.98 -13.71
CA GLN D 151 41.21 58.97 -15.08
C GLN D 151 40.80 57.72 -15.85
N TYR D 152 40.53 56.62 -15.15
CA TYR D 152 40.15 55.38 -15.83
C TYR D 152 38.66 55.31 -16.17
N ASN D 153 37.94 56.39 -15.86
CA ASN D 153 36.52 56.46 -16.14
C ASN D 153 35.67 55.40 -15.42
N PRO D 154 35.80 55.28 -14.10
CA PRO D 154 35.00 54.29 -13.38
C PRO D 154 33.56 54.83 -13.31
N LYS D 155 32.60 53.94 -13.13
CA LYS D 155 31.20 54.35 -13.03
C LYS D 155 31.04 55.25 -11.80
N MET D 156 31.62 54.83 -10.68
CA MET D 156 31.56 55.61 -9.46
C MET D 156 32.77 55.31 -8.60
N VAL D 157 33.06 56.19 -7.65
CA VAL D 157 34.17 56.01 -6.74
C VAL D 157 33.71 56.44 -5.35
N LYS D 158 33.88 55.56 -4.38
CA LYS D 158 33.51 55.81 -2.99
C LYS D 158 34.70 55.41 -2.13
N VAL D 159 34.79 55.95 -0.92
CA VAL D 159 35.88 55.62 -0.02
C VAL D 159 35.33 55.12 1.32
N ALA D 160 35.89 54.00 1.78
CA ALA D 160 35.50 53.42 3.05
C ALA D 160 36.73 53.43 3.94
N SER D 161 36.57 53.84 5.19
CA SER D 161 37.71 53.87 6.11
C SER D 161 37.26 53.34 7.45
N LEU D 162 38.04 52.45 8.05
CA LEU D 162 37.68 51.91 9.35
C LEU D 162 37.69 53.03 10.40
N LEU D 163 38.76 53.81 10.37
CA LEU D 163 38.93 54.89 11.32
C LEU D 163 39.12 56.24 10.65
N VAL D 164 38.71 57.28 11.35
CA VAL D 164 38.84 58.64 10.91
C VAL D 164 39.27 59.40 12.17
N LYS D 165 40.47 59.98 12.14
CA LYS D 165 40.97 60.73 13.29
C LYS D 165 40.54 62.18 13.19
N ARG D 166 40.05 62.71 14.30
CA ARG D 166 39.60 64.09 14.37
C ARG D 166 40.83 64.99 14.55
N THR D 167 41.18 65.73 13.52
CA THR D 167 42.33 66.63 13.58
C THR D 167 41.92 68.10 13.59
N PRO D 168 42.39 68.87 14.59
CA PRO D 168 42.06 70.29 14.70
C PRO D 168 42.72 71.11 13.59
N ARG D 169 43.70 70.52 12.93
CA ARG D 169 44.41 71.19 11.83
C ARG D 169 43.45 71.58 10.72
N GLY D 172 40.65 67.28 7.01
CA GLY D 172 40.56 65.83 6.91
C GLY D 172 39.47 65.40 5.94
N TYR D 173 39.80 64.46 5.06
CA TYR D 173 38.85 63.96 4.07
C TYR D 173 37.68 63.24 4.74
N LYS D 174 36.49 63.40 4.15
CA LYS D 174 35.29 62.76 4.69
C LYS D 174 34.89 61.54 3.86
N PRO D 175 35.19 60.33 4.37
CA PRO D 175 34.86 59.07 3.68
C PRO D 175 33.35 58.86 3.54
N ASP D 176 32.97 58.06 2.56
CA ASP D 176 31.57 57.75 2.32
C ASP D 176 31.07 56.73 3.34
N PHE D 177 31.99 55.90 3.82
CA PHE D 177 31.66 54.88 4.81
C PHE D 177 32.73 54.97 5.89
N VAL D 178 32.30 55.21 7.13
CA VAL D 178 33.23 55.33 8.24
C VAL D 178 32.89 54.38 9.36
N GLY D 179 33.87 53.58 9.78
CA GLY D 179 33.63 52.66 10.88
C GLY D 179 33.51 53.42 12.19
N PHE D 180 34.59 54.10 12.56
CA PHE D 180 34.65 54.86 13.81
C PHE D 180 35.36 56.20 13.63
N GLU D 181 34.85 57.23 14.29
CA GLU D 181 35.49 58.54 14.24
C GLU D 181 36.08 58.72 15.64
N ILE D 182 37.39 58.73 15.74
CA ILE D 182 38.04 58.84 17.05
C ILE D 182 38.98 60.05 17.19
N PRO D 183 39.36 60.38 18.44
CA PRO D 183 40.26 61.51 18.67
C PRO D 183 41.65 61.22 18.14
N ASP D 184 42.50 62.25 18.12
CA ASP D 184 43.87 62.12 17.62
C ASP D 184 44.77 61.46 18.68
N LYS D 185 44.59 60.16 18.89
CA LYS D 185 45.40 59.44 19.87
C LYS D 185 46.24 58.38 19.19
N PHE D 186 47.34 58.02 19.83
CA PHE D 186 48.29 57.03 19.31
C PHE D 186 47.72 55.62 19.55
N VAL D 187 47.00 55.09 18.58
CA VAL D 187 46.41 53.77 18.70
C VAL D 187 47.15 52.73 17.87
N VAL D 188 47.15 51.49 18.36
CA VAL D 188 47.80 50.36 17.71
C VAL D 188 46.84 49.17 17.83
N GLY D 189 47.13 48.09 17.11
CA GLY D 189 46.26 46.93 17.17
C GLY D 189 45.32 46.76 15.99
N TYR D 190 44.87 45.52 15.80
CA TYR D 190 43.97 45.13 14.72
C TYR D 190 44.62 45.25 13.34
N ALA D 191 44.90 46.49 12.92
CA ALA D 191 45.52 46.72 11.62
C ALA D 191 46.44 47.93 11.69
N LEU D 192 46.93 48.24 12.90
CA LEU D 192 47.78 49.40 13.11
C LEU D 192 49.05 49.01 13.88
N ASP D 193 50.01 48.40 13.20
CA ASP D 193 51.24 47.98 13.86
C ASP D 193 52.14 49.17 14.18
N TYR D 194 53.03 48.97 15.14
CA TYR D 194 54.00 49.98 15.54
C TYR D 194 55.36 49.29 15.41
N ASN D 195 56.12 49.69 14.40
CA ASN D 195 57.42 49.10 14.13
C ASN D 195 57.34 47.58 14.09
N GLU D 196 56.25 47.09 13.48
CA GLU D 196 55.97 45.67 13.31
C GLU D 196 55.52 44.93 14.56
N TYR D 197 55.24 45.68 15.63
CA TYR D 197 54.73 45.12 16.86
C TYR D 197 53.21 45.37 16.92
N PHE D 198 52.51 44.61 17.75
CA PHE D 198 51.05 44.74 17.92
C PHE D 198 50.17 44.14 16.81
N ARG D 199 50.77 43.44 15.87
CA ARG D 199 49.97 42.84 14.81
C ARG D 199 49.13 41.73 15.42
N ASP D 200 49.64 41.14 16.51
CA ASP D 200 48.94 40.06 17.18
C ASP D 200 47.90 40.55 18.18
N LEU D 201 47.77 41.86 18.31
CA LEU D 201 46.77 42.47 19.19
C LEU D 201 45.53 42.68 18.31
N ASN D 202 44.43 42.03 18.66
CA ASN D 202 43.21 42.13 17.86
C ASN D 202 42.36 43.36 18.14
N HIS D 203 42.55 43.98 19.30
CA HIS D 203 41.79 45.17 19.67
C HIS D 203 42.54 46.45 19.30
N VAL D 204 41.81 47.55 19.14
CA VAL D 204 42.48 48.81 18.89
C VAL D 204 42.64 49.37 20.31
N CYS D 205 43.87 49.72 20.66
CA CYS D 205 44.17 50.22 21.99
C CYS D 205 45.16 51.38 21.97
N VAL D 206 45.12 52.21 23.02
CA VAL D 206 46.02 53.35 23.13
C VAL D 206 47.35 52.82 23.68
N ILE D 207 48.45 53.19 23.01
CA ILE D 207 49.77 52.73 23.42
C ILE D 207 50.24 53.51 24.65
N SER D 208 51.08 52.88 25.46
CA SER D 208 51.60 53.55 26.65
C SER D 208 52.98 54.14 26.34
N GLU D 209 53.47 55.00 27.23
CA GLU D 209 54.78 55.59 27.03
C GLU D 209 55.84 54.49 27.02
N THR D 210 55.63 53.49 27.87
CA THR D 210 56.54 52.36 27.99
C THR D 210 56.57 51.55 26.69
N GLY D 211 55.41 51.41 26.07
CA GLY D 211 55.32 50.65 24.82
C GLY D 211 56.01 51.39 23.69
N LYS D 212 55.83 52.70 23.63
CA LYS D 212 56.45 53.48 22.57
C LYS D 212 57.96 53.33 22.60
N ALA D 213 58.55 53.58 23.76
CA ALA D 213 60.00 53.47 23.93
C ALA D 213 60.51 52.04 23.73
N LYS D 214 59.80 51.07 24.29
CA LYS D 214 60.20 49.67 24.17
C LYS D 214 60.28 49.21 22.71
N TYR D 215 59.28 49.57 21.92
CA TYR D 215 59.23 49.13 20.53
C TYR D 215 59.65 50.17 19.49
N LYS D 216 60.20 51.29 19.96
CA LYS D 216 60.65 52.35 19.06
C LYS D 216 61.65 51.81 18.03
N ALA D 217 61.54 52.31 16.80
CA ALA D 217 62.42 51.88 15.73
C ALA D 217 63.79 52.56 15.87
#